data_8UHB
#
_entry.id   8UHB
#
_cell.length_a   1.00
_cell.length_b   1.00
_cell.length_c   1.00
_cell.angle_alpha   90.00
_cell.angle_beta   90.00
_cell.angle_gamma   90.00
#
_symmetry.space_group_name_H-M   'P 1'
#
loop_
_entity.id
_entity.type
_entity.pdbx_description
1 polymer 'Soluble cytochrome b562,Beta-2 adrenergic receptor,Trace amine-associated receptor 1'
2 polymer 'Guanine nucleotide-binding protein G(I)/G(S)/G(T) subunit beta-1'
3 polymer 'Guanine nucleotide-binding protein G(s) subunit alpha isoforms short'
4 polymer 'Guanine nucleotide-binding protein G(I)/G(S)/G(O) subunit gamma-2'
5 polymer 'Nanobody 35'
6 non-polymer (2R,4S)-4-[(2S)-2-phenylbutyl]-1,3-oxazolidin-2-amine
#
loop_
_entity_poly.entity_id
_entity_poly.type
_entity_poly.pdbx_seq_one_letter_code
_entity_poly.pdbx_strand_id
1 'polypeptide(L)'
;MKTIIALSYIFCLVFADYKDDDDAKLQTMHHHHHHHHHHENLYFQGGTTADLEDNWETLNDNLKVIEKADNAAQVKDALT
KMRAAALDAQKATPPKLEDKSPDSPEMKDFRHGFDILVGQIDDALKLANEGKVKEAQAAAEQLKTTRNAYIQKYLMGQPG
NGSAFLLAPNRSHAPDHDVTQQRDEMMPFCHNIINISCVKNNWSNDVRASLYSLMVLIILTTLVGNLIVIVSISHFKQLH
TPTNWLIHSMATVDFLLGCLVMPYSMVRSAEHCWYFGEVFCKIHTSTDIMLSSASIWHLSFISIDRYYAVCDPLRYKAKM
NILVICVMIFISWSVPAVFAFGMIFLELNFKGAEEIYYKHVHCRGGCSVFFSKISGVLTFMTSFYIPGSIMLCVYYRIYL
IAKEQARLISDANQKLQIGLEMKNGISQSKERKAVKTLGIVMGVFLICWCPFFICTVMDPFLHYIIPPTLNDVLIWFGYL
NSTFNPMVYAFFYPWFRKALKMMLFGKIFQKDSSRCKLFLELSS
;
A
2 'polypeptide(L)'
;MHHHHHHLEVLFQGPGSSGSELDQLRQEAEQLKNQIRDARKACADATLSQITNNIDPVGRIQMRTRRTLRGHLAKIYAMH
WGTDSRLLVSASQDGKLIIWDSYTTNKVHAIPLRSSWVMTCAYAPSGNYVACGGLDNICSIYNLKTREGNVRVSRELAGH
TGYLSCCRFLDDNQIVTSSGDTTCALWDIETGQQTTTFTGHTGDVMSLSLAPDTRLFVSGACDASAKLWDVREGMCRQTF
TGHESDINAICFFPNGNAFATGSDDATCRLFDLRADQELMTYSHDNIICGITSVSFSKSGRLLLAGYDDFNCNVWDALKA
DRAGVLAGHDNRVSCLGVTDDGMAVATGSWDSFLKIWN
;
B
3 'polypeptide(L)'
;MGCLGNSKTEDQRNEEKAQREANKKIEKQLQKDKQVYRATHRLLLLGAGESGKSTIVKQMRILHVNGFNGEGGEEDPQAA
RSNSDGEKATKVQDIKNNLKEAIETIVAAMSNLVPPVELANPENQFRVDYILSVMNVPNFDFPPEFYEHAKALWEDEGVR
ACYERSNEYQLIDCAQYFLDKIDVIKQAEYMPTEQDLLRCRVLTSGIFETKFQVDKVNFHMFDVGAQRDERRKWIQCFND
VTAIIFVVASSSYNMVIREDNQTNRLQEALKLFDSIWNNKWLRDTSVILFLNKQDLLAEKVLAGKSKIEDYFPEFARYTT
PEDATPEPGEDPRVTRAKYFIRDEFLRISTASGDGRHYCYPHFTCSVDTENIRRVFNDCRDIIQRMHLRQYELL
;
C
4 'polypeptide(L)' MASNNTASIAQARKLVEQLKMEANIDRIKVSKAAADLMAYCEAHAKEDPLLTPVPASENPFREKKFFCAIL G
5 'polypeptide(L)'
;QVQLQESGGGLVQPGGSLRLSCAASGFTFSNYKMNWVRQAPGKGLEWVSDISQSGASISYTGSVKGRFTISRDNAKNTLY
LQMNSLKPEDTAVYYCARCPAPFTRDCFDVTSTTYAYRGQGTQVTVSSHHHHHH
;
N
#
# COMPACT_ATOMS: atom_id res chain seq x y z
N CYS A 190 60.32 -11.48 18.69
CA CYS A 190 61.14 -11.04 17.57
C CYS A 190 62.37 -10.26 18.03
N HIS A 191 63.21 -10.92 18.83
CA HIS A 191 64.52 -10.35 19.19
C HIS A 191 64.38 -8.99 19.89
N ASN A 192 63.83 -8.99 21.10
CA ASN A 192 63.65 -7.76 21.86
C ASN A 192 64.96 -6.98 21.97
N ILE A 193 64.83 -5.69 22.28
CA ILE A 193 65.94 -4.78 22.46
C ILE A 193 65.71 -3.98 23.74
N ILE A 194 66.64 -3.08 24.04
CA ILE A 194 66.58 -2.27 25.25
C ILE A 194 66.01 -0.91 24.92
N ASN A 195 66.66 -0.18 24.02
CA ASN A 195 66.26 1.17 23.62
C ASN A 195 65.61 1.09 22.25
N ILE A 196 64.29 1.30 22.21
CA ILE A 196 63.56 1.24 20.95
C ILE A 196 63.87 2.47 20.12
N SER A 197 64.07 2.26 18.82
CA SER A 197 64.34 3.36 17.88
C SER A 197 63.02 3.83 17.29
N CYS A 198 62.53 4.97 17.79
CA CYS A 198 61.28 5.56 17.32
C CYS A 198 61.45 6.34 16.02
N VAL A 199 62.68 6.54 15.56
CA VAL A 199 62.94 7.31 14.36
C VAL A 199 62.86 6.41 13.13
N LYS A 200 62.37 5.18 13.31
CA LYS A 200 62.33 4.21 12.22
C LYS A 200 61.40 4.62 11.08
N ASN A 201 60.75 5.78 11.16
CA ASN A 201 59.87 6.23 10.09
C ASN A 201 60.69 6.67 8.88
N ASN A 202 61.19 5.70 8.11
CA ASN A 202 62.02 5.99 6.94
C ASN A 202 61.11 6.33 5.76
N TRP A 203 60.51 7.51 5.83
CA TRP A 203 59.64 8.00 4.77
C TRP A 203 59.89 9.49 4.57
N SER A 204 59.68 9.94 3.33
CA SER A 204 59.75 11.35 3.01
C SER A 204 58.47 12.02 3.48
N ASN A 205 58.59 13.29 3.90
CA ASN A 205 57.43 14.03 4.40
C ASN A 205 56.31 14.01 3.37
N ASP A 206 56.67 14.15 2.09
CA ASP A 206 55.66 14.22 1.05
C ASP A 206 54.84 12.93 0.94
N VAL A 207 55.48 11.78 1.14
CA VAL A 207 54.81 10.51 0.91
C VAL A 207 54.05 10.10 2.18
N ARG A 208 54.62 10.36 3.35
CA ARG A 208 53.90 10.06 4.58
C ARG A 208 52.70 10.98 4.75
N ALA A 209 52.80 12.23 4.29
CA ALA A 209 51.63 13.09 4.26
C ALA A 209 50.54 12.55 3.34
N SER A 210 50.91 12.00 2.18
CA SER A 210 49.91 11.39 1.31
C SER A 210 49.30 10.15 1.95
N LEU A 211 50.10 9.36 2.66
CA LEU A 211 49.56 8.23 3.39
C LEU A 211 48.56 8.70 4.44
N TYR A 212 48.89 9.78 5.16
CA TYR A 212 47.93 10.37 6.08
C TYR A 212 46.66 10.80 5.38
N SER A 213 46.79 11.41 4.20
CA SER A 213 45.62 11.86 3.46
C SER A 213 44.72 10.67 3.11
N LEU A 214 45.31 9.59 2.60
CA LEU A 214 44.52 8.41 2.26
C LEU A 214 43.85 7.82 3.49
N MET A 215 44.61 7.70 4.59
CA MET A 215 44.06 7.09 5.79
C MET A 215 42.92 7.93 6.37
N VAL A 216 43.07 9.26 6.38
CA VAL A 216 42.00 10.11 6.88
C VAL A 216 40.82 10.10 5.92
N LEU A 217 41.05 9.88 4.63
CA LEU A 217 39.95 9.65 3.71
C LEU A 217 39.18 8.40 4.13
N ILE A 218 39.90 7.34 4.49
CA ILE A 218 39.26 6.11 4.96
C ILE A 218 38.46 6.42 6.22
N ILE A 219 39.04 7.23 7.10
CA ILE A 219 38.34 7.59 8.33
C ILE A 219 37.05 8.34 8.04
N LEU A 220 37.12 9.31 7.12
CA LEU A 220 35.94 10.11 6.80
C LEU A 220 34.87 9.26 6.13
N THR A 221 35.27 8.35 5.25
CA THR A 221 34.29 7.47 4.61
C THR A 221 33.58 6.62 5.67
N THR A 222 34.34 6.02 6.58
CA THR A 222 33.76 5.18 7.60
C THR A 222 32.86 5.97 8.53
N LEU A 223 33.27 7.19 8.90
CA LEU A 223 32.44 8.05 9.73
C LEU A 223 31.13 8.39 9.02
N VAL A 224 31.22 8.88 7.78
CA VAL A 224 30.05 9.43 7.10
C VAL A 224 29.06 8.32 6.74
N GLY A 225 29.53 7.21 6.17
CA GLY A 225 28.60 6.16 5.78
C GLY A 225 27.84 5.60 6.97
N ASN A 226 28.56 5.30 8.05
CA ASN A 226 27.91 4.75 9.23
C ASN A 226 27.02 5.79 9.90
N LEU A 227 27.41 7.07 9.87
CA LEU A 227 26.55 8.10 10.43
C LEU A 227 25.24 8.21 9.64
N ILE A 228 25.32 8.12 8.32
CA ILE A 228 24.10 8.12 7.51
C ILE A 228 23.22 6.93 7.85
N VAL A 229 23.83 5.73 7.87
CA VAL A 229 23.05 4.52 8.13
C VAL A 229 22.57 4.41 9.57
N ILE A 230 23.12 5.21 10.48
CA ILE A 230 22.65 5.21 11.86
C ILE A 230 21.67 6.35 12.15
N VAL A 231 21.68 7.41 11.37
CA VAL A 231 20.75 8.51 11.58
C VAL A 231 19.46 8.20 10.82
N SER A 232 19.58 7.83 9.55
CA SER A 232 18.40 7.61 8.71
C SER A 232 17.62 6.38 9.10
N ILE A 233 18.29 5.31 9.57
CA ILE A 233 17.57 4.13 10.02
C ILE A 233 16.76 4.40 11.27
N SER A 234 17.07 5.47 12.00
CA SER A 234 16.34 5.82 13.21
C SER A 234 15.37 6.97 13.02
N HIS A 235 15.59 7.83 12.02
CA HIS A 235 14.72 8.98 11.82
C HIS A 235 13.39 8.55 11.20
N PHE A 236 13.44 7.94 10.03
CA PHE A 236 12.22 7.49 9.37
C PHE A 236 11.55 6.42 10.22
N LYS A 237 10.23 6.55 10.38
CA LYS A 237 9.46 5.54 11.09
C LYS A 237 9.25 4.28 10.28
N GLN A 238 9.37 4.36 8.95
CA GLN A 238 9.25 3.17 8.12
C GLN A 238 10.44 2.23 8.32
N LEU A 239 11.63 2.78 8.49
CA LEU A 239 12.84 1.98 8.69
C LEU A 239 13.00 1.66 10.17
N HIS A 240 12.01 0.93 10.69
CA HIS A 240 12.00 0.51 12.09
C HIS A 240 11.73 -0.98 12.24
N THR A 241 11.78 -1.75 11.16
CA THR A 241 11.57 -3.18 11.26
C THR A 241 12.72 -3.80 12.06
N PRO A 242 12.46 -4.94 12.72
CA PRO A 242 13.51 -5.52 13.57
C PRO A 242 14.80 -5.79 12.82
N THR A 243 14.73 -6.25 11.57
CA THR A 243 15.95 -6.53 10.81
C THR A 243 16.78 -5.27 10.57
N ASN A 244 16.18 -4.09 10.64
CA ASN A 244 16.92 -2.84 10.51
C ASN A 244 17.58 -2.41 11.82
N TRP A 245 17.26 -3.05 12.93
CA TRP A 245 17.92 -2.77 14.20
C TRP A 245 19.17 -3.60 14.40
N LEU A 246 19.52 -4.47 13.44
CA LEU A 246 20.85 -5.04 13.37
C LEU A 246 21.78 -4.17 12.55
N ILE A 247 21.31 -3.67 11.41
CA ILE A 247 22.12 -2.76 10.61
C ILE A 247 22.33 -1.43 11.33
N HIS A 248 21.36 -1.01 12.16
CA HIS A 248 21.52 0.18 12.98
C HIS A 248 22.39 -0.08 14.20
N SER A 249 22.70 -1.34 14.49
CA SER A 249 23.65 -1.68 15.53
C SER A 249 24.98 -2.18 14.99
N MET A 250 25.02 -2.62 13.74
CA MET A 250 26.29 -2.86 13.05
C MET A 250 26.90 -1.57 12.52
N ALA A 251 26.08 -0.52 12.36
CA ALA A 251 26.62 0.79 12.03
C ALA A 251 27.24 1.46 13.24
N THR A 252 26.71 1.19 14.45
CA THR A 252 27.27 1.78 15.65
C THR A 252 28.67 1.26 15.92
N VAL A 253 28.88 -0.05 15.75
CA VAL A 253 30.21 -0.60 16.02
C VAL A 253 31.24 -0.03 15.05
N ASP A 254 30.89 0.07 13.76
CA ASP A 254 31.81 0.63 12.79
C ASP A 254 32.05 2.11 13.04
N PHE A 255 31.00 2.84 13.43
CA PHE A 255 31.17 4.25 13.77
C PHE A 255 32.13 4.42 14.94
N LEU A 256 31.96 3.60 15.98
CA LEU A 256 32.85 3.65 17.13
C LEU A 256 34.28 3.29 16.73
N LEU A 257 34.42 2.29 15.86
CA LEU A 257 35.74 1.91 15.37
C LEU A 257 36.42 3.06 14.63
N GLY A 258 35.68 3.76 13.77
CA GLY A 258 36.24 4.92 13.10
C GLY A 258 36.54 6.06 14.05
N CYS A 259 35.71 6.23 15.09
CA CYS A 259 35.85 7.37 15.98
C CYS A 259 37.03 7.20 16.93
N LEU A 260 36.97 6.18 17.80
CA LEU A 260 37.90 6.08 18.91
C LEU A 260 38.88 4.92 18.78
N VAL A 261 39.08 4.38 17.57
CA VAL A 261 40.06 3.33 17.39
C VAL A 261 41.01 3.65 16.25
N MET A 262 40.46 3.87 15.06
CA MET A 262 41.30 3.87 13.86
C MET A 262 42.44 4.89 13.92
N PRO A 263 42.18 6.16 14.24
CA PRO A 263 43.25 7.16 14.17
C PRO A 263 44.49 6.78 14.97
N TYR A 264 44.27 6.16 16.12
CA TYR A 264 45.36 5.70 16.97
C TYR A 264 46.13 4.56 16.35
N SER A 265 45.59 3.91 15.31
CA SER A 265 46.35 2.99 14.48
C SER A 265 46.88 3.66 13.22
N MET A 266 46.22 4.71 12.75
CA MET A 266 46.75 5.55 11.69
C MET A 266 48.16 6.00 12.05
N VAL A 267 48.28 6.58 13.24
CA VAL A 267 49.57 7.10 13.67
C VAL A 267 50.57 5.97 13.85
N ARG A 268 50.13 4.88 14.50
CA ARG A 268 51.03 3.75 14.75
C ARG A 268 51.57 3.15 13.46
N SER A 269 50.77 3.15 12.40
CA SER A 269 51.17 2.58 11.13
C SER A 269 52.00 3.54 10.29
N ALA A 270 51.69 4.83 10.32
CA ALA A 270 52.42 5.80 9.52
C ALA A 270 53.72 6.25 10.17
N GLU A 271 53.91 6.00 11.47
CA GLU A 271 55.12 6.43 12.16
C GLU A 271 55.86 5.30 12.88
N HIS A 272 55.26 4.12 13.02
CA HIS A 272 55.91 3.00 13.69
C HIS A 272 56.30 3.35 15.12
N CYS A 273 55.48 4.15 15.80
CA CYS A 273 55.80 4.64 17.13
C CYS A 273 54.52 5.15 17.75
N TRP A 274 54.21 4.66 18.96
CA TRP A 274 52.87 4.82 19.51
C TRP A 274 52.54 6.29 19.76
N TYR A 275 53.28 6.94 20.66
CA TYR A 275 53.05 8.34 21.03
C TYR A 275 51.73 8.57 21.76
N PHE A 276 51.20 7.54 22.43
CA PHE A 276 50.05 7.74 23.30
C PHE A 276 50.14 6.94 24.59
N GLY A 277 51.34 6.54 25.02
CA GLY A 277 51.53 5.93 26.32
C GLY A 277 51.48 4.42 26.27
N GLU A 278 51.17 3.84 27.42
CA GLU A 278 51.08 2.39 27.58
C GLU A 278 49.72 1.92 28.07
N VAL A 279 49.11 2.64 29.02
CA VAL A 279 47.80 2.24 29.52
C VAL A 279 46.70 2.46 28.51
N PHE A 280 46.91 3.35 27.53
CA PHE A 280 46.00 3.49 26.41
C PHE A 280 46.27 2.46 25.33
N CYS A 281 47.33 1.66 25.49
CA CYS A 281 47.69 0.61 24.54
C CYS A 281 46.77 -0.61 24.69
N LYS A 282 46.76 -1.22 25.87
CA LYS A 282 45.93 -2.41 26.07
C LYS A 282 44.46 -2.10 25.91
N ILE A 283 44.01 -0.94 26.40
CA ILE A 283 42.62 -0.55 26.30
C ILE A 283 42.34 -0.06 24.88
N HIS A 284 43.35 -0.09 24.01
CA HIS A 284 43.15 0.14 22.58
C HIS A 284 43.08 -1.17 21.81
N THR A 285 44.07 -2.04 21.98
CA THR A 285 44.04 -3.34 21.34
C THR A 285 43.00 -4.27 21.95
N SER A 286 42.27 -3.81 22.98
CA SER A 286 41.12 -4.53 23.51
C SER A 286 39.81 -4.02 22.92
N THR A 287 39.64 -2.69 22.85
CA THR A 287 38.45 -2.15 22.20
C THR A 287 38.45 -2.45 20.71
N ASP A 288 39.63 -2.53 20.09
CA ASP A 288 39.71 -2.89 18.68
C ASP A 288 39.18 -4.30 18.47
N ILE A 289 39.61 -5.25 19.30
CA ILE A 289 39.12 -6.61 19.19
C ILE A 289 37.62 -6.66 19.46
N MET A 290 37.18 -5.95 20.50
CA MET A 290 35.76 -5.94 20.82
C MET A 290 34.93 -5.46 19.63
N LEU A 291 35.33 -4.35 19.02
CA LEU A 291 34.51 -3.76 17.97
C LEU A 291 34.60 -4.57 16.67
N SER A 292 35.78 -5.10 16.35
CA SER A 292 35.88 -5.96 15.17
C SER A 292 35.01 -7.20 15.32
N SER A 293 35.06 -7.84 16.50
CA SER A 293 34.25 -9.01 16.73
C SER A 293 32.77 -8.66 16.73
N ALA A 294 32.41 -7.49 17.25
CA ALA A 294 31.01 -7.06 17.21
C ALA A 294 30.54 -6.89 15.77
N SER A 295 31.37 -6.26 14.93
CA SER A 295 30.99 -6.07 13.54
C SER A 295 30.78 -7.41 12.84
N ILE A 296 31.76 -8.31 12.97
CA ILE A 296 31.65 -9.58 12.26
C ILE A 296 30.52 -10.43 12.81
N TRP A 297 30.26 -10.35 14.12
CA TRP A 297 29.13 -11.08 14.70
C TRP A 297 27.81 -10.52 14.20
N HIS A 298 27.72 -9.20 14.04
CA HIS A 298 26.50 -8.63 13.47
C HIS A 298 26.32 -9.08 12.03
N LEU A 299 27.42 -9.23 11.29
CA LEU A 299 27.32 -9.81 9.95
C LEU A 299 26.73 -11.21 10.01
N SER A 300 27.24 -12.05 10.92
CA SER A 300 26.75 -13.42 11.03
C SER A 300 25.28 -13.44 11.42
N PHE A 301 24.87 -12.56 12.34
CA PHE A 301 23.48 -12.52 12.76
C PHE A 301 22.58 -11.98 11.67
N ILE A 302 23.05 -11.07 10.83
CA ILE A 302 22.26 -10.67 9.67
C ILE A 302 22.07 -11.85 8.74
N SER A 303 23.11 -12.66 8.56
CA SER A 303 22.95 -13.86 7.74
C SER A 303 21.92 -14.80 8.34
N ILE A 304 21.95 -14.98 9.66
CA ILE A 304 20.98 -15.85 10.33
C ILE A 304 19.57 -15.33 10.13
N ASP A 305 19.40 -14.01 10.27
CA ASP A 305 18.10 -13.39 10.05
C ASP A 305 17.60 -13.65 8.63
N ARG A 306 18.48 -13.45 7.65
CA ARG A 306 18.08 -13.71 6.27
C ARG A 306 17.72 -15.18 6.07
N TYR A 307 18.42 -16.09 6.74
CA TYR A 307 18.09 -17.50 6.66
C TYR A 307 16.66 -17.75 7.14
N TYR A 308 16.34 -17.29 8.34
CA TYR A 308 14.96 -17.47 8.81
C TYR A 308 13.98 -16.65 7.97
N ALA A 309 14.48 -15.73 7.16
CA ALA A 309 13.61 -14.98 6.27
C ALA A 309 13.32 -15.70 4.95
N VAL A 310 14.21 -16.57 4.48
CA VAL A 310 14.00 -17.23 3.19
C VAL A 310 14.17 -18.74 3.32
N CYS A 311 14.00 -19.27 4.54
CA CYS A 311 13.90 -20.71 4.71
C CYS A 311 12.84 -21.09 5.73
N ASP A 312 12.12 -20.11 6.26
CA ASP A 312 11.01 -20.32 7.18
C ASP A 312 10.14 -19.08 7.10
N PRO A 313 9.56 -18.79 5.94
CA PRO A 313 9.01 -17.44 5.70
C PRO A 313 7.72 -17.15 6.45
N LEU A 314 6.85 -18.16 6.55
CA LEU A 314 5.59 -17.93 7.24
C LEU A 314 5.81 -17.64 8.71
N ARG A 315 6.72 -18.36 9.35
CA ARG A 315 7.06 -18.14 10.76
C ARG A 315 8.26 -17.23 10.92
N TYR A 316 8.47 -16.30 10.00
CA TYR A 316 9.61 -15.39 10.10
C TYR A 316 9.32 -14.23 11.05
N LYS A 317 8.31 -13.42 10.73
CA LYS A 317 8.00 -12.26 11.57
C LYS A 317 7.58 -12.67 12.98
N ALA A 318 7.12 -13.91 13.17
CA ALA A 318 6.77 -14.38 14.50
C ALA A 318 8.00 -14.74 15.32
N LYS A 319 9.05 -15.24 14.67
CA LYS A 319 10.22 -15.72 15.38
C LYS A 319 11.35 -14.70 15.43
N MET A 320 11.45 -13.82 14.42
CA MET A 320 12.43 -12.75 14.44
C MET A 320 11.80 -11.47 14.98
N ASN A 321 11.30 -11.56 16.20
CA ASN A 321 10.70 -10.43 16.88
C ASN A 321 11.77 -9.54 17.50
N ILE A 322 11.33 -8.42 18.06
CA ILE A 322 12.29 -7.46 18.62
C ILE A 322 13.03 -8.07 19.80
N LEU A 323 12.40 -8.96 20.55
CA LEU A 323 13.05 -9.54 21.72
C LEU A 323 14.28 -10.33 21.31
N VAL A 324 14.12 -11.27 20.37
CA VAL A 324 15.25 -12.11 19.98
C VAL A 324 16.33 -11.27 19.32
N ILE A 325 15.94 -10.28 18.51
CA ILE A 325 16.95 -9.51 17.79
C ILE A 325 17.71 -8.62 18.77
N CYS A 326 17.04 -8.07 19.78
CA CYS A 326 17.74 -7.34 20.82
C CYS A 326 18.65 -8.24 21.63
N VAL A 327 18.23 -9.49 21.86
CA VAL A 327 19.13 -10.45 22.52
C VAL A 327 20.37 -10.69 21.68
N MET A 328 20.20 -10.82 20.36
CA MET A 328 21.36 -10.95 19.47
C MET A 328 22.27 -9.74 19.58
N ILE A 329 21.69 -8.54 19.55
CA ILE A 329 22.49 -7.33 19.71
C ILE A 329 23.28 -7.38 21.00
N PHE A 330 22.62 -7.73 22.10
CA PHE A 330 23.27 -7.71 23.39
C PHE A 330 24.41 -8.73 23.45
N ILE A 331 24.17 -9.95 22.98
CA ILE A 331 25.21 -10.97 23.05
C ILE A 331 26.40 -10.56 22.17
N SER A 332 26.12 -10.05 20.97
CA SER A 332 27.20 -9.64 20.08
C SER A 332 28.01 -8.50 20.70
N TRP A 333 27.34 -7.57 21.37
CA TRP A 333 28.03 -6.43 21.97
C TRP A 333 28.85 -6.88 23.18
N SER A 334 28.34 -7.86 23.94
CA SER A 334 28.94 -8.19 25.23
C SER A 334 30.05 -9.24 25.09
N VAL A 335 29.72 -10.41 24.55
CA VAL A 335 30.62 -11.56 24.59
C VAL A 335 32.00 -11.17 24.07
N PRO A 336 32.10 -10.43 22.96
CA PRO A 336 33.42 -9.91 22.57
C PRO A 336 34.01 -8.98 23.61
N ALA A 337 33.19 -8.19 24.29
CA ALA A 337 33.73 -7.27 25.30
C ALA A 337 34.47 -8.03 26.38
N VAL A 338 33.85 -9.07 26.94
CA VAL A 338 34.52 -9.89 27.94
C VAL A 338 35.68 -10.67 27.35
N PHE A 339 35.51 -11.26 26.16
CA PHE A 339 36.60 -12.03 25.55
C PHE A 339 37.81 -11.19 25.20
N ALA A 340 37.65 -9.87 25.10
CA ALA A 340 38.77 -8.98 24.84
C ALA A 340 39.36 -8.41 26.12
N PHE A 341 38.52 -7.92 27.02
CA PHE A 341 39.01 -7.28 28.23
C PHE A 341 39.42 -8.27 29.30
N GLY A 342 39.13 -9.55 29.14
CA GLY A 342 39.68 -10.59 29.99
C GLY A 342 40.81 -11.34 29.36
N MET A 343 41.14 -11.05 28.11
CA MET A 343 42.22 -11.69 27.39
C MET A 343 43.40 -10.77 27.13
N ILE A 344 43.19 -9.45 27.12
CA ILE A 344 44.27 -8.49 26.89
C ILE A 344 44.75 -7.95 28.23
N PHE A 345 43.84 -7.37 29.01
CA PHE A 345 44.21 -6.81 30.31
C PHE A 345 44.85 -7.88 31.19
N LEU A 346 44.27 -9.08 31.22
CA LEU A 346 44.82 -10.18 32.01
C LEU A 346 46.02 -10.84 31.35
N GLU A 347 46.61 -10.21 30.34
CA GLU A 347 47.76 -10.74 29.60
C GLU A 347 47.67 -12.26 29.44
N LEU A 348 46.50 -12.72 28.99
CA LEU A 348 46.30 -14.14 28.74
C LEU A 348 46.74 -14.56 27.34
N ASN A 349 46.87 -13.62 26.40
CA ASN A 349 47.45 -13.96 25.11
C ASN A 349 48.92 -14.37 25.27
N PHE A 350 49.67 -13.64 26.09
CA PHE A 350 51.02 -14.07 26.41
C PHE A 350 51.04 -15.40 27.17
N LYS A 351 50.07 -15.62 28.05
CA LYS A 351 50.04 -16.83 28.87
C LYS A 351 50.03 -18.06 27.98
N GLY A 352 50.79 -19.08 28.40
CA GLY A 352 50.96 -20.26 27.58
C GLY A 352 51.94 -20.10 26.45
N ALA A 353 52.75 -19.04 26.48
CA ALA A 353 53.76 -18.80 25.45
C ALA A 353 55.03 -18.27 26.10
N GLU A 354 56.15 -18.45 25.41
CA GLU A 354 57.44 -18.03 25.94
C GLU A 354 57.46 -16.52 26.14
N GLU A 355 57.74 -16.09 27.37
CA GLU A 355 57.85 -14.68 27.67
C GLU A 355 59.00 -14.01 26.93
N ILE A 356 60.12 -14.71 26.75
CA ILE A 356 61.26 -14.17 26.03
C ILE A 356 60.81 -13.82 24.61
N TYR A 357 60.10 -14.75 23.97
CA TYR A 357 59.53 -14.46 22.66
C TYR A 357 58.41 -13.44 22.75
N TYR A 358 57.75 -13.33 23.90
CA TYR A 358 56.70 -12.34 24.09
C TYR A 358 57.28 -10.93 24.18
N LYS A 359 58.17 -10.71 25.15
CA LYS A 359 58.88 -9.45 25.22
C LYS A 359 59.66 -9.20 23.93
N HIS A 360 60.22 -10.26 23.34
CA HIS A 360 60.81 -10.15 22.01
C HIS A 360 59.77 -9.82 20.96
N VAL A 361 58.64 -10.53 20.95
CA VAL A 361 57.60 -10.24 19.96
C VAL A 361 57.14 -8.81 20.06
N HIS A 362 57.40 -8.15 21.20
CA HIS A 362 57.07 -6.74 21.33
C HIS A 362 57.78 -5.90 20.28
N CYS A 363 59.07 -6.17 20.06
CA CYS A 363 59.89 -5.38 19.14
C CYS A 363 59.69 -3.87 19.38
N ARG A 364 60.20 -3.42 20.53
CA ARG A 364 60.06 -2.04 20.96
C ARG A 364 58.68 -1.80 21.57
N GLY A 365 57.86 -2.85 21.61
CA GLY A 365 56.59 -2.80 22.29
C GLY A 365 55.47 -2.17 21.47
N GLY A 366 55.40 -0.84 21.48
CA GLY A 366 54.28 -0.15 20.88
C GLY A 366 52.97 -0.82 21.28
N CYS A 367 52.18 -1.22 20.29
CA CYS A 367 50.99 -2.04 20.49
C CYS A 367 50.89 -3.10 19.41
N SER A 368 52.02 -3.67 19.01
CA SER A 368 52.01 -4.87 18.19
C SER A 368 51.23 -5.94 18.92
N VAL A 369 50.03 -6.26 18.43
CA VAL A 369 49.22 -7.28 19.08
C VAL A 369 49.91 -8.63 18.94
N PHE A 370 50.06 -9.33 20.07
CA PHE A 370 50.73 -10.62 20.10
C PHE A 370 49.73 -11.68 20.53
N PHE A 371 49.64 -12.74 19.73
CA PHE A 371 48.72 -13.85 20.01
C PHE A 371 49.54 -15.12 20.13
N SER A 372 49.47 -15.77 21.27
CA SER A 372 50.07 -17.09 21.41
C SER A 372 49.31 -18.09 20.57
N LYS A 373 49.87 -19.29 20.43
CA LYS A 373 49.26 -20.30 19.57
C LYS A 373 47.84 -20.63 20.04
N ILE A 374 47.69 -20.95 21.32
CA ILE A 374 46.37 -21.29 21.83
C ILE A 374 45.43 -20.09 21.72
N SER A 375 45.87 -18.93 22.20
CA SER A 375 45.06 -17.73 22.09
C SER A 375 44.86 -17.34 20.63
N GLY A 376 45.88 -17.54 19.80
CA GLY A 376 45.75 -17.18 18.40
C GLY A 376 44.64 -17.96 17.71
N VAL A 377 44.63 -19.28 17.88
CA VAL A 377 43.58 -20.09 17.26
C VAL A 377 42.25 -19.84 17.93
N LEU A 378 42.23 -19.61 19.25
CA LEU A 378 40.97 -19.33 19.93
C LEU A 378 40.34 -18.06 19.39
N THR A 379 41.12 -17.00 19.19
CA THR A 379 40.58 -15.78 18.61
C THR A 379 40.20 -15.97 17.15
N PHE A 380 41.03 -16.70 16.40
CA PHE A 380 40.69 -17.03 15.01
C PHE A 380 39.33 -17.69 14.93
N MET A 381 39.01 -18.56 15.89
CA MET A 381 37.74 -19.27 15.88
C MET A 381 36.59 -18.39 16.35
N THR A 382 36.76 -17.74 17.51
CA THR A 382 35.68 -16.97 18.10
C THR A 382 35.29 -15.77 17.23
N SER A 383 36.29 -15.06 16.71
CA SER A 383 36.05 -13.81 16.00
C SER A 383 35.74 -14.00 14.52
N PHE A 384 36.43 -14.93 13.85
CA PHE A 384 36.30 -15.08 12.40
C PHE A 384 35.69 -16.42 12.01
N TYR A 385 36.28 -17.54 12.42
CA TYR A 385 35.95 -18.81 11.81
C TYR A 385 34.50 -19.19 12.04
N ILE A 386 33.97 -18.94 13.23
CA ILE A 386 32.59 -19.34 13.54
C ILE A 386 31.62 -18.41 12.83
N PRO A 387 31.73 -17.09 12.98
CA PRO A 387 30.86 -16.21 12.18
C PRO A 387 31.04 -16.40 10.68
N GLY A 388 32.27 -16.59 10.21
CA GLY A 388 32.47 -16.79 8.79
C GLY A 388 31.85 -18.07 8.29
N SER A 389 32.00 -19.16 9.04
CA SER A 389 31.39 -20.42 8.66
C SER A 389 29.87 -20.32 8.66
N ILE A 390 29.31 -19.64 9.66
CA ILE A 390 27.86 -19.47 9.68
C ILE A 390 27.40 -18.68 8.47
N MET A 391 28.10 -17.59 8.14
CA MET A 391 27.72 -16.79 6.99
C MET A 391 27.81 -17.61 5.70
N LEU A 392 28.86 -18.41 5.55
CA LEU A 392 28.97 -19.22 4.34
C LEU A 392 27.90 -20.30 4.26
N CYS A 393 27.71 -21.07 5.34
CA CYS A 393 26.71 -22.13 5.35
C CYS A 393 25.29 -21.60 5.29
N VAL A 394 25.08 -20.32 5.57
CA VAL A 394 23.76 -19.71 5.45
C VAL A 394 23.55 -19.01 4.13
N TYR A 395 24.58 -18.48 3.50
CA TYR A 395 24.41 -17.84 2.20
C TYR A 395 24.52 -18.81 1.04
N TYR A 396 25.18 -19.95 1.24
CA TYR A 396 25.12 -21.00 0.24
C TYR A 396 23.68 -21.48 0.03
N ARG A 397 22.98 -21.74 1.13
CA ARG A 397 21.59 -22.17 1.02
C ARG A 397 20.74 -21.09 0.39
N ILE A 398 20.95 -19.83 0.76
CA ILE A 398 20.15 -18.76 0.21
C ILE A 398 20.39 -18.62 -1.28
N TYR A 399 21.65 -18.72 -1.71
CA TYR A 399 21.94 -18.64 -3.15
C TYR A 399 21.33 -19.81 -3.90
N LEU A 400 21.39 -21.01 -3.32
CA LEU A 400 20.76 -22.17 -3.96
C LEU A 400 19.26 -21.98 -4.09
N ILE A 401 18.61 -21.48 -3.04
CA ILE A 401 17.18 -21.23 -3.09
C ILE A 401 16.87 -20.19 -4.16
N ALA A 402 17.67 -19.13 -4.24
CA ALA A 402 17.44 -18.11 -5.25
C ALA A 402 17.62 -18.67 -6.65
N LYS A 403 18.64 -19.50 -6.87
CA LYS A 403 18.83 -20.09 -8.18
C LYS A 403 17.65 -20.98 -8.57
N GLU A 404 17.18 -21.80 -7.63
CA GLU A 404 16.03 -22.65 -7.90
C GLU A 404 14.79 -21.80 -8.22
N GLN A 405 14.60 -20.73 -7.46
CA GLN A 405 13.45 -19.87 -7.68
C GLN A 405 13.53 -19.17 -9.03
N ALA A 406 14.72 -18.72 -9.42
CA ALA A 406 14.89 -18.16 -10.76
C ALA A 406 14.58 -19.18 -11.82
N ARG A 407 15.03 -20.41 -11.66
CA ARG A 407 14.71 -21.45 -12.64
C ARG A 407 13.21 -21.64 -12.76
N LEU A 408 12.51 -21.75 -11.63
CA LEU A 408 11.07 -21.95 -11.66
C LEU A 408 10.37 -20.77 -12.33
N ILE A 409 10.74 -19.55 -11.95
CA ILE A 409 10.08 -18.38 -12.53
C ILE A 409 10.33 -18.29 -14.02
N SER A 410 11.56 -18.51 -14.46
CA SER A 410 11.88 -18.45 -15.88
C SER A 410 11.10 -19.52 -16.64
N ASP A 411 11.07 -20.75 -16.12
CA ASP A 411 10.35 -21.82 -16.80
C ASP A 411 8.86 -21.51 -16.90
N ALA A 412 8.28 -20.94 -15.84
CA ALA A 412 6.84 -20.72 -15.82
C ALA A 412 6.45 -19.55 -16.72
N ASN A 413 7.05 -18.38 -16.50
CA ASN A 413 6.58 -17.14 -17.11
C ASN A 413 7.47 -16.67 -18.27
N GLN A 414 8.01 -17.59 -19.05
CA GLN A 414 8.77 -17.24 -20.25
C GLN A 414 7.96 -17.39 -21.53
N LYS A 415 6.70 -17.79 -21.43
CA LYS A 415 5.88 -18.01 -22.62
C LYS A 415 6.53 -19.03 -23.54
N SER A 429 19.81 -10.54 -15.35
CA SER A 429 20.53 -11.16 -14.24
C SER A 429 21.91 -11.64 -14.68
N LYS A 430 22.94 -11.25 -13.90
CA LYS A 430 24.31 -11.68 -14.16
C LYS A 430 24.44 -13.13 -13.71
N GLU A 431 23.72 -14.00 -14.41
CA GLU A 431 23.44 -15.38 -14.03
C GLU A 431 22.45 -15.44 -12.88
N ARG A 432 22.17 -14.30 -12.23
CA ARG A 432 21.13 -14.16 -11.24
C ARG A 432 21.21 -12.74 -10.69
N LYS A 433 20.23 -12.32 -9.90
CA LYS A 433 20.44 -11.21 -8.98
C LYS A 433 20.91 -11.68 -7.62
N ALA A 434 20.95 -13.00 -7.40
CA ALA A 434 21.50 -13.58 -6.19
C ALA A 434 23.01 -13.79 -6.30
N VAL A 435 23.55 -13.89 -7.51
CA VAL A 435 25.00 -13.99 -7.66
C VAL A 435 25.66 -12.65 -7.39
N LYS A 436 25.17 -11.57 -7.99
CA LYS A 436 25.80 -10.27 -7.83
C LYS A 436 25.77 -9.82 -6.37
N THR A 437 24.59 -9.83 -5.74
CA THR A 437 24.46 -9.28 -4.41
C THR A 437 25.19 -10.14 -3.38
N LEU A 438 25.05 -11.45 -3.46
CA LEU A 438 25.77 -12.30 -2.51
C LEU A 438 27.27 -12.29 -2.79
N GLY A 439 27.68 -12.13 -4.05
CA GLY A 439 29.09 -11.95 -4.33
C GLY A 439 29.64 -10.71 -3.65
N ILE A 440 28.92 -9.60 -3.75
CA ILE A 440 29.35 -8.40 -3.02
C ILE A 440 29.42 -8.71 -1.53
N VAL A 441 28.32 -9.24 -0.98
CA VAL A 441 28.19 -9.36 0.48
C VAL A 441 29.27 -10.27 1.05
N MET A 442 29.63 -11.34 0.35
CA MET A 442 30.61 -12.28 0.87
C MET A 442 32.02 -12.02 0.39
N GLY A 443 32.22 -11.51 -0.82
CA GLY A 443 33.55 -11.16 -1.27
C GLY A 443 34.13 -9.99 -0.49
N VAL A 444 33.32 -8.98 -0.18
CA VAL A 444 33.83 -7.89 0.64
C VAL A 444 34.31 -8.45 1.98
N PHE A 445 33.49 -9.26 2.64
CA PHE A 445 33.86 -9.80 3.94
C PHE A 445 35.12 -10.64 3.84
N LEU A 446 35.15 -11.58 2.89
CA LEU A 446 36.32 -12.44 2.76
C LEU A 446 37.58 -11.63 2.47
N ILE A 447 37.58 -10.88 1.37
CA ILE A 447 38.81 -10.18 0.98
C ILE A 447 39.26 -9.23 2.06
N CYS A 448 38.33 -8.62 2.81
CA CYS A 448 38.74 -7.65 3.81
C CYS A 448 39.24 -8.29 5.10
N TRP A 449 38.65 -9.41 5.51
CA TRP A 449 38.97 -9.99 6.82
C TRP A 449 39.91 -11.19 6.74
N CYS A 450 39.65 -12.11 5.83
CA CYS A 450 40.45 -13.34 5.76
C CYS A 450 41.94 -13.09 5.68
N PRO A 451 42.44 -12.13 4.88
CA PRO A 451 43.91 -11.92 4.88
C PRO A 451 44.46 -11.71 6.27
N PHE A 452 43.85 -10.83 7.07
CA PHE A 452 44.40 -10.53 8.37
C PHE A 452 44.43 -11.76 9.27
N PHE A 453 43.31 -12.47 9.37
CA PHE A 453 43.25 -13.59 10.30
C PHE A 453 44.15 -14.73 9.85
N ILE A 454 44.19 -15.01 8.54
CA ILE A 454 45.08 -16.04 8.04
C ILE A 454 46.53 -15.69 8.32
N CYS A 455 46.89 -14.41 8.22
CA CYS A 455 48.26 -13.98 8.51
C CYS A 455 48.52 -13.80 10.00
N THR A 456 47.47 -13.77 10.82
CA THR A 456 47.62 -13.58 12.26
C THR A 456 47.74 -14.91 12.99
N VAL A 457 46.94 -15.90 12.61
CA VAL A 457 47.07 -17.22 13.22
C VAL A 457 48.24 -18.01 12.62
N MET A 458 48.74 -17.60 11.45
CA MET A 458 49.87 -18.29 10.85
C MET A 458 51.21 -17.77 11.35
N ASP A 459 51.22 -16.65 12.08
CA ASP A 459 52.48 -16.07 12.56
C ASP A 459 53.02 -16.84 13.75
N PRO A 460 52.24 -17.09 14.81
CA PRO A 460 52.80 -17.73 16.00
C PRO A 460 53.45 -19.06 15.72
N PHE A 461 52.90 -19.84 14.79
CA PHE A 461 53.43 -21.18 14.53
C PHE A 461 54.74 -21.13 13.74
N LEU A 462 54.85 -20.20 12.79
CA LEU A 462 56.01 -20.12 11.91
C LEU A 462 57.08 -19.18 12.42
N HIS A 463 56.90 -18.57 13.59
CA HIS A 463 57.88 -17.64 14.13
C HIS A 463 58.20 -16.54 13.12
N TYR A 464 57.18 -16.10 12.40
CA TYR A 464 57.37 -15.12 11.35
C TYR A 464 57.43 -13.72 11.93
N ILE A 465 58.38 -12.92 11.44
CA ILE A 465 58.55 -11.55 11.92
C ILE A 465 57.49 -10.59 11.35
N ILE A 466 56.78 -10.99 10.30
CA ILE A 466 55.71 -10.21 9.71
C ILE A 466 56.10 -8.74 9.58
N PRO A 467 56.96 -8.37 8.62
CA PRO A 467 57.42 -6.99 8.54
C PRO A 467 56.27 -6.01 8.57
N PRO A 468 56.43 -4.87 9.24
CA PRO A 468 55.25 -4.07 9.64
C PRO A 468 54.38 -3.60 8.48
N THR A 469 54.91 -3.51 7.26
CA THR A 469 54.09 -3.07 6.14
C THR A 469 52.92 -4.02 5.91
N LEU A 470 53.17 -5.32 5.98
CA LEU A 470 52.08 -6.29 5.87
C LEU A 470 51.06 -6.10 6.98
N ASN A 471 51.54 -5.90 8.21
CA ASN A 471 50.62 -5.67 9.32
C ASN A 471 49.72 -4.48 9.03
N ASP A 472 50.32 -3.37 8.59
CA ASP A 472 49.53 -2.16 8.34
C ASP A 472 48.53 -2.38 7.23
N VAL A 473 48.96 -3.00 6.12
CA VAL A 473 48.06 -3.14 4.98
C VAL A 473 46.90 -4.07 5.32
N LEU A 474 47.17 -5.16 6.03
CA LEU A 474 46.10 -6.09 6.37
C LEU A 474 45.16 -5.51 7.43
N ILE A 475 45.72 -4.80 8.42
CA ILE A 475 44.89 -4.10 9.40
C ILE A 475 43.98 -3.11 8.70
N TRP A 476 44.50 -2.44 7.68
CA TRP A 476 43.68 -1.43 7.00
C TRP A 476 42.69 -2.05 6.04
N PHE A 477 42.95 -3.25 5.52
CA PHE A 477 41.86 -4.01 4.89
C PHE A 477 40.77 -4.33 5.90
N GLY A 478 41.17 -4.72 7.10
CA GLY A 478 40.20 -4.96 8.15
C GLY A 478 39.33 -3.75 8.38
N TYR A 479 39.95 -2.58 8.41
CA TYR A 479 39.18 -1.35 8.61
C TYR A 479 38.35 -0.99 7.39
N LEU A 480 38.85 -1.29 6.18
CA LEU A 480 38.02 -1.12 4.99
C LEU A 480 36.75 -1.94 5.08
N ASN A 481 36.80 -3.08 5.78
CA ASN A 481 35.56 -3.84 5.97
C ASN A 481 34.52 -3.02 6.73
N SER A 482 34.93 -2.35 7.81
CA SER A 482 33.99 -1.51 8.55
C SER A 482 33.55 -0.31 7.72
N THR A 483 34.43 0.16 6.84
CA THR A 483 34.02 1.22 5.91
C THR A 483 32.94 0.73 4.96
N PHE A 484 33.08 -0.50 4.45
CA PHE A 484 32.22 -1.00 3.38
C PHE A 484 30.92 -1.60 3.89
N ASN A 485 30.86 -2.00 5.16
CA ASN A 485 29.68 -2.67 5.68
C ASN A 485 28.39 -1.93 5.32
N PRO A 486 28.31 -0.61 5.55
CA PRO A 486 27.10 0.11 5.15
C PRO A 486 26.95 0.26 3.65
N MET A 487 28.04 0.19 2.88
CA MET A 487 27.93 0.27 1.43
C MET A 487 27.32 -0.97 0.82
N VAL A 488 27.28 -2.09 1.55
CA VAL A 488 26.74 -3.34 1.02
C VAL A 488 25.56 -3.87 1.81
N TYR A 489 25.28 -3.38 3.02
CA TYR A 489 24.13 -3.83 3.79
C TYR A 489 22.99 -2.83 3.86
N ALA A 490 23.26 -1.54 3.64
CA ALA A 490 22.21 -0.54 3.69
C ALA A 490 22.10 0.28 2.42
N PHE A 491 23.22 0.69 1.82
CA PHE A 491 23.16 1.49 0.61
C PHE A 491 22.81 0.64 -0.60
N PHE A 492 23.27 -0.60 -0.64
CA PHE A 492 23.05 -1.46 -1.79
C PHE A 492 21.56 -1.71 -2.05
N TYR A 493 20.71 -1.53 -1.03
CA TYR A 493 19.31 -1.90 -1.15
C TYR A 493 18.45 -0.68 -1.47
N PRO A 494 17.52 -0.78 -2.43
CA PRO A 494 16.76 0.43 -2.81
C PRO A 494 16.07 1.12 -1.66
N TRP A 495 15.19 0.44 -0.92
CA TRP A 495 14.36 1.08 0.10
C TRP A 495 15.14 2.12 0.88
N PHE A 496 16.34 1.76 1.32
CA PHE A 496 17.18 2.70 2.05
C PHE A 496 17.55 3.89 1.20
N ARG A 497 17.93 3.65 -0.07
CA ARG A 497 18.31 4.76 -0.94
C ARG A 497 17.13 5.70 -1.17
N LYS A 498 15.93 5.14 -1.37
CA LYS A 498 14.75 5.96 -1.58
C LYS A 498 14.44 6.78 -0.34
N ALA A 499 14.54 6.18 0.85
CA ALA A 499 14.33 6.94 2.07
C ALA A 499 15.33 8.08 2.19
N LEU A 500 16.61 7.80 1.90
CA LEU A 500 17.62 8.84 1.97
C LEU A 500 17.35 9.96 0.99
N LYS A 501 16.91 9.61 -0.22
CA LYS A 501 16.52 10.64 -1.18
C LYS A 501 15.35 11.46 -0.66
N MET A 502 14.38 10.82 0.00
CA MET A 502 13.30 11.55 0.63
C MET A 502 13.79 12.48 1.73
N MET A 503 14.91 12.15 2.37
CA MET A 503 15.53 13.12 3.29
C MET A 503 15.78 14.45 2.58
N LEU A 504 16.43 14.40 1.41
CA LEU A 504 16.75 15.59 0.64
C LEU A 504 15.56 15.91 -0.26
N PHE A 505 14.47 16.32 0.37
CA PHE A 505 13.23 16.64 -0.33
C PHE A 505 13.13 18.12 -0.71
N GLY A 506 14.08 18.95 -0.28
CA GLY A 506 14.05 20.35 -0.62
C GLY A 506 14.46 20.66 -2.06
N LYS A 507 14.97 19.68 -2.78
CA LYS A 507 15.39 19.86 -4.16
C LYS A 507 14.66 18.96 -5.15
N ILE A 508 14.44 17.70 -4.80
CA ILE A 508 13.86 16.72 -5.72
C ILE A 508 12.35 16.69 -5.52
N PHE A 509 11.63 16.37 -6.60
CA PHE A 509 10.18 16.24 -6.57
C PHE A 509 9.81 14.87 -7.11
N GLN A 510 8.95 14.16 -6.39
CA GLN A 510 8.55 12.82 -6.80
C GLN A 510 7.73 12.89 -8.08
N LYS A 511 7.79 11.81 -8.86
CA LYS A 511 7.09 11.72 -10.13
C LYS A 511 5.68 11.13 -9.99
N ASP A 512 5.28 10.75 -8.79
CA ASP A 512 3.94 10.18 -8.55
C ASP A 512 3.70 8.97 -9.45
N SER A 513 4.52 7.94 -9.25
CA SER A 513 4.48 6.73 -10.07
C SER A 513 4.83 7.02 -11.52
N SER A 514 5.58 8.10 -11.75
CA SER A 514 6.05 8.48 -13.08
C SER A 514 4.90 8.78 -14.03
N ARG A 515 3.71 9.07 -13.50
CA ARG A 515 2.53 9.35 -14.32
C ARG A 515 2.33 8.26 -15.36
N CYS A 516 2.37 7.01 -14.90
CA CYS A 516 2.27 5.88 -15.80
C CYS A 516 0.95 5.91 -16.56
N LYS A 517 1.00 5.55 -17.84
CA LYS A 517 -0.17 5.52 -18.69
C LYS A 517 0.09 4.59 -19.87
N LEU A 518 -0.94 3.88 -20.30
CA LEU A 518 -0.83 2.95 -21.41
C LEU A 518 -0.79 3.70 -22.74
N GLU B 21 -43.85 2.70 -24.28
CA GLU B 21 -44.25 3.74 -23.34
C GLU B 21 -43.08 4.18 -22.48
N LEU B 22 -42.06 3.33 -22.38
CA LEU B 22 -40.85 3.70 -21.64
C LEU B 22 -40.17 4.91 -22.29
N ASP B 23 -40.04 4.89 -23.62
CA ASP B 23 -39.46 6.03 -24.31
C ASP B 23 -40.31 7.28 -24.12
N GLN B 24 -41.63 7.12 -23.95
CA GLN B 24 -42.50 8.27 -23.73
C GLN B 24 -42.11 9.00 -22.45
N LEU B 25 -41.56 8.25 -21.47
CA LEU B 25 -41.08 8.88 -20.24
C LEU B 25 -39.62 9.28 -20.34
N ARG B 26 -38.82 8.56 -21.13
CA ARG B 26 -37.44 8.99 -21.35
C ARG B 26 -37.40 10.35 -22.02
N GLN B 27 -38.32 10.61 -22.95
CA GLN B 27 -38.38 11.93 -23.59
C GLN B 27 -38.69 13.02 -22.58
N GLU B 28 -39.63 12.77 -21.66
CA GLU B 28 -39.94 13.76 -20.64
C GLU B 28 -38.76 13.97 -19.70
N ALA B 29 -38.07 12.90 -19.33
CA ALA B 29 -36.88 13.04 -18.49
C ALA B 29 -35.82 13.87 -19.19
N GLU B 30 -35.61 13.62 -20.49
CA GLU B 30 -34.64 14.40 -21.25
C GLU B 30 -35.05 15.87 -21.32
N GLN B 31 -36.35 16.12 -21.49
CA GLN B 31 -36.84 17.50 -21.54
C GLN B 31 -36.60 18.20 -20.20
N LEU B 32 -36.87 17.51 -19.09
CA LEU B 32 -36.63 18.10 -17.78
C LEU B 32 -35.15 18.37 -17.57
N LYS B 33 -34.29 17.44 -17.98
CA LYS B 33 -32.86 17.67 -17.88
C LYS B 33 -32.43 18.86 -18.72
N ASN B 34 -33.03 19.02 -19.90
CA ASN B 34 -32.74 20.18 -20.74
C ASN B 34 -33.15 21.47 -20.05
N GLN B 35 -34.32 21.45 -19.39
CA GLN B 35 -34.76 22.63 -18.66
C GLN B 35 -33.79 22.97 -17.54
N ILE B 36 -33.33 21.94 -16.82
CA ILE B 36 -32.37 22.18 -15.74
C ILE B 36 -31.07 22.75 -16.28
N ARG B 37 -30.57 22.20 -17.39
CA ARG B 37 -29.33 22.71 -17.96
C ARG B 37 -29.50 24.15 -18.44
N ASP B 38 -30.65 24.46 -19.05
CA ASP B 38 -30.90 25.83 -19.49
C ASP B 38 -30.94 26.79 -18.31
N ALA B 39 -31.60 26.38 -17.22
CA ALA B 39 -31.64 27.23 -16.04
C ALA B 39 -30.24 27.44 -15.47
N ARG B 40 -29.44 26.38 -15.39
CA ARG B 40 -28.08 26.52 -14.87
C ARG B 40 -27.24 27.43 -15.75
N LYS B 41 -27.35 27.29 -17.08
CA LYS B 41 -26.60 28.15 -17.98
C LYS B 41 -27.05 29.60 -17.86
N ALA B 42 -28.34 29.84 -17.73
CA ALA B 42 -28.83 31.19 -17.55
C ALA B 42 -28.31 31.78 -16.25
N CYS B 43 -28.24 30.97 -15.20
CA CYS B 43 -27.82 31.47 -13.89
C CYS B 43 -26.31 31.65 -13.77
N ALA B 44 -25.53 31.23 -14.77
CA ALA B 44 -24.08 31.37 -14.72
C ALA B 44 -23.66 32.64 -15.46
N ASP B 45 -23.96 33.78 -14.81
CA ASP B 45 -23.60 35.06 -15.41
C ASP B 45 -22.09 35.19 -15.56
N ALA B 46 -21.35 34.74 -14.55
CA ALA B 46 -19.89 34.74 -14.60
C ALA B 46 -19.40 33.50 -13.83
N THR B 47 -18.09 33.35 -13.73
CA THR B 47 -17.49 32.27 -12.98
C THR B 47 -16.83 32.84 -11.72
N LEU B 48 -16.32 31.93 -10.90
CA LEU B 48 -15.66 32.35 -9.66
C LEU B 48 -14.33 33.05 -9.95
N SER B 49 -13.62 32.62 -11.00
CA SER B 49 -12.31 33.19 -11.28
C SER B 49 -12.42 34.63 -11.75
N GLN B 50 -13.42 34.96 -12.57
CA GLN B 50 -13.54 36.33 -13.05
C GLN B 50 -13.78 37.29 -11.90
N ILE B 51 -14.49 36.86 -10.86
CA ILE B 51 -14.78 37.73 -9.73
C ILE B 51 -13.70 37.65 -8.66
N THR B 52 -12.85 36.63 -8.68
CA THR B 52 -11.75 36.51 -7.73
C THR B 52 -10.42 37.01 -8.29
N ASN B 53 -10.37 37.36 -9.57
CA ASN B 53 -9.10 37.74 -10.20
C ASN B 53 -8.36 38.81 -9.40
N ASN B 54 -9.08 39.79 -8.86
CA ASN B 54 -8.46 40.96 -8.23
C ASN B 54 -8.39 40.82 -6.71
N ILE B 55 -8.14 39.60 -6.23
CA ILE B 55 -8.02 39.35 -4.80
C ILE B 55 -6.57 39.02 -4.49
N ASP B 56 -6.14 39.37 -3.28
CA ASP B 56 -4.77 39.12 -2.86
C ASP B 56 -4.52 37.63 -2.73
N PRO B 57 -3.45 37.09 -3.32
CA PRO B 57 -3.18 35.65 -3.18
C PRO B 57 -2.88 35.25 -1.74
N VAL B 58 -3.14 34.00 -1.40
CA VAL B 58 -2.79 33.51 -0.07
C VAL B 58 -1.29 33.31 0.07
N GLY B 59 -0.57 33.16 -1.03
CA GLY B 59 0.86 32.95 -0.99
C GLY B 59 1.19 31.52 -0.62
N ARG B 60 2.49 31.28 -0.49
CA ARG B 60 2.95 29.95 -0.12
C ARG B 60 2.51 29.63 1.30
N ILE B 61 2.10 28.37 1.50
CA ILE B 61 1.63 27.88 2.78
C ILE B 61 2.58 26.77 3.20
N GLN B 62 3.50 27.07 4.10
CA GLN B 62 4.45 26.11 4.62
C GLN B 62 4.03 25.71 6.03
N MET B 63 3.57 24.47 6.18
CA MET B 63 3.20 23.92 7.48
C MET B 63 3.87 22.56 7.62
N ARG B 64 4.54 22.34 8.74
CA ARG B 64 5.31 21.13 8.98
C ARG B 64 4.69 20.35 10.13
N THR B 65 4.91 19.03 10.11
CA THR B 65 4.35 18.17 11.13
C THR B 65 4.66 18.70 12.52
N ARG B 66 3.70 18.52 13.43
CA ARG B 66 3.88 18.88 14.83
C ARG B 66 3.74 17.71 15.77
N ARG B 67 2.97 16.69 15.42
CA ARG B 67 2.90 15.45 16.19
C ARG B 67 2.87 14.30 15.21
N THR B 68 3.40 13.16 15.64
CA THR B 68 3.29 11.92 14.89
C THR B 68 2.78 10.85 15.85
N LEU B 69 1.54 10.45 15.66
CA LEU B 69 0.86 9.54 16.58
C LEU B 69 1.08 8.11 16.09
N ARG B 70 1.93 7.37 16.79
CA ARG B 70 2.27 6.00 16.45
C ARG B 70 1.63 5.05 17.44
N GLY B 71 1.36 3.83 16.96
CA GLY B 71 0.70 2.83 17.79
C GLY B 71 -0.23 1.95 16.99
N HIS B 72 -0.48 2.30 15.74
CA HIS B 72 -1.31 1.49 14.86
C HIS B 72 -0.44 0.46 14.13
N LEU B 73 -1.05 -0.69 13.84
CA LEU B 73 -0.33 -1.81 13.27
C LEU B 73 -0.51 -1.96 11.76
N ALA B 74 -1.62 -1.51 11.20
CA ALA B 74 -1.90 -1.67 9.79
C ALA B 74 -2.29 -0.32 9.22
N LYS B 75 -2.65 -0.30 7.93
CA LYS B 75 -2.96 0.92 7.22
C LYS B 75 -4.20 1.57 7.81
N ILE B 76 -4.01 2.69 8.50
CA ILE B 76 -5.12 3.45 9.05
C ILE B 76 -5.98 3.95 7.90
N TYR B 77 -7.31 3.79 8.02
CA TYR B 77 -8.18 4.16 6.91
C TYR B 77 -9.18 5.26 7.24
N ALA B 78 -9.34 5.62 8.51
CA ALA B 78 -10.31 6.65 8.88
C ALA B 78 -9.78 7.39 10.10
N MET B 79 -10.46 8.49 10.45
CA MET B 79 -10.10 9.29 11.61
C MET B 79 -11.15 10.38 11.75
N HIS B 80 -11.22 10.96 12.94
CA HIS B 80 -12.20 12.01 13.19
C HIS B 80 -11.79 12.77 14.44
N TRP B 81 -12.09 14.06 14.46
CA TRP B 81 -11.77 14.94 15.57
C TRP B 81 -12.97 15.10 16.49
N GLY B 82 -12.68 15.31 17.77
CA GLY B 82 -13.71 15.68 18.71
C GLY B 82 -14.07 17.15 18.58
N THR B 83 -15.24 17.50 19.13
CA THR B 83 -15.66 18.90 19.08
C THR B 83 -14.76 19.80 19.89
N ASP B 84 -13.95 19.24 20.79
CA ASP B 84 -13.01 20.04 21.58
C ASP B 84 -11.69 20.27 20.87
N SER B 85 -11.50 19.70 19.67
CA SER B 85 -10.32 19.86 18.85
C SER B 85 -9.08 19.20 19.44
N ARG B 86 -9.18 18.59 20.63
CA ARG B 86 -8.04 17.95 21.27
C ARG B 86 -8.06 16.44 21.11
N LEU B 87 -9.16 15.80 21.48
CA LEU B 87 -9.25 14.35 21.36
C LEU B 87 -9.46 13.96 19.91
N LEU B 88 -8.90 12.82 19.54
CA LEU B 88 -8.95 12.32 18.17
C LEU B 88 -9.28 10.83 18.22
N VAL B 89 -9.84 10.31 17.14
CA VAL B 89 -10.14 8.89 17.01
C VAL B 89 -9.72 8.42 15.63
N SER B 90 -9.03 7.27 15.57
CA SER B 90 -8.56 6.71 14.32
C SER B 90 -8.87 5.22 14.28
N ALA B 91 -9.12 4.72 13.06
CA ALA B 91 -9.50 3.34 12.85
C ALA B 91 -8.56 2.71 11.85
N SER B 92 -8.04 1.53 12.18
CA SER B 92 -7.06 0.87 11.33
C SER B 92 -7.56 -0.51 10.91
N GLN B 93 -6.90 -1.05 9.89
CA GLN B 93 -7.29 -2.32 9.29
C GLN B 93 -6.87 -3.52 10.15
N ASP B 94 -6.15 -3.28 11.23
CA ASP B 94 -5.75 -4.30 12.18
C ASP B 94 -6.84 -4.63 13.18
N GLY B 95 -7.95 -3.89 13.16
CA GLY B 95 -9.03 -4.09 14.11
C GLY B 95 -9.03 -3.13 15.27
N LYS B 96 -8.15 -2.14 15.29
CA LYS B 96 -7.99 -1.24 16.41
C LYS B 96 -8.64 0.10 16.12
N LEU B 97 -9.37 0.61 17.11
CA LEU B 97 -9.96 1.95 17.08
C LEU B 97 -9.35 2.70 18.26
N ILE B 98 -8.35 3.52 17.98
CA ILE B 98 -7.60 4.19 19.05
C ILE B 98 -8.09 5.61 19.19
N ILE B 99 -8.23 6.06 20.43
CA ILE B 99 -8.62 7.42 20.74
C ILE B 99 -7.42 8.09 21.38
N TRP B 100 -6.84 9.05 20.67
CA TRP B 100 -5.65 9.78 21.06
C TRP B 100 -6.01 11.10 21.74
N ASP B 101 -5.07 11.61 22.52
CA ASP B 101 -5.07 12.99 22.97
C ASP B 101 -3.99 13.70 22.16
N SER B 102 -4.39 14.35 21.07
CA SER B 102 -3.42 14.83 20.10
C SER B 102 -2.43 15.81 20.71
N TYR B 103 -2.85 16.58 21.71
CA TYR B 103 -1.94 17.57 22.30
C TYR B 103 -0.71 16.91 22.89
N THR B 104 -0.88 15.82 23.64
CA THR B 104 0.21 15.20 24.36
C THR B 104 0.69 13.89 23.73
N THR B 105 0.06 13.42 22.66
CA THR B 105 0.38 12.19 21.94
C THR B 105 -0.11 10.96 22.71
N ASN B 106 -0.68 11.13 23.90
CA ASN B 106 -1.15 10.00 24.67
C ASN B 106 -2.29 9.29 23.96
N LYS B 107 -2.51 8.03 24.33
CA LYS B 107 -3.68 7.27 23.93
C LYS B 107 -4.67 7.28 25.07
N VAL B 108 -5.86 7.82 24.84
CA VAL B 108 -6.89 7.83 25.86
C VAL B 108 -7.66 6.52 25.87
N HIS B 109 -7.87 5.91 24.72
CA HIS B 109 -8.56 4.63 24.64
C HIS B 109 -7.97 3.79 23.51
N ALA B 110 -8.13 2.48 23.63
CA ALA B 110 -7.90 1.55 22.53
C ALA B 110 -9.01 0.53 22.54
N ILE B 111 -9.86 0.57 21.51
CA ILE B 111 -11.04 -0.28 21.42
C ILE B 111 -10.72 -1.41 20.45
N PRO B 112 -10.85 -2.67 20.85
CA PRO B 112 -10.66 -3.77 19.91
C PRO B 112 -11.96 -4.08 19.16
N LEU B 113 -11.89 -4.10 17.84
CA LEU B 113 -13.07 -4.28 17.02
C LEU B 113 -13.32 -5.76 16.74
N ARG B 114 -14.58 -6.11 16.53
CA ARG B 114 -14.92 -7.48 16.18
C ARG B 114 -14.44 -7.82 14.77
N SER B 115 -14.64 -6.90 13.82
CA SER B 115 -14.21 -7.10 12.45
C SER B 115 -12.97 -6.27 12.18
N SER B 116 -11.94 -6.89 11.60
CA SER B 116 -10.70 -6.21 11.30
C SER B 116 -10.82 -5.21 10.17
N TRP B 117 -11.94 -5.18 9.46
CA TRP B 117 -12.13 -4.27 8.32
C TRP B 117 -13.05 -3.15 8.79
N VAL B 118 -12.44 -2.01 9.12
CA VAL B 118 -13.19 -0.84 9.58
C VAL B 118 -12.89 0.30 8.61
N MET B 119 -13.89 0.67 7.82
CA MET B 119 -13.73 1.67 6.77
C MET B 119 -14.15 3.06 7.21
N THR B 120 -14.74 3.20 8.39
CA THR B 120 -15.22 4.50 8.84
C THR B 120 -14.84 4.69 10.30
N CYS B 121 -15.16 5.86 10.82
CA CYS B 121 -14.88 6.23 12.20
C CYS B 121 -15.58 7.56 12.45
N ALA B 122 -16.04 7.75 13.68
CA ALA B 122 -16.76 8.97 14.00
C ALA B 122 -16.74 9.21 15.49
N TYR B 123 -16.36 10.42 15.88
CA TYR B 123 -16.38 10.85 17.27
C TYR B 123 -17.63 11.68 17.47
N ALA B 124 -18.50 11.25 18.38
CA ALA B 124 -19.75 11.95 18.59
C ALA B 124 -19.47 13.39 19.02
N PRO B 125 -20.32 14.34 18.63
CA PRO B 125 -20.07 15.74 19.02
C PRO B 125 -19.99 15.93 20.51
N SER B 126 -20.82 15.22 21.28
CA SER B 126 -20.74 15.29 22.74
C SER B 126 -19.52 14.56 23.28
N GLY B 127 -18.89 13.72 22.49
CA GLY B 127 -17.70 13.01 22.92
C GLY B 127 -18.00 11.72 23.66
N ASN B 128 -19.27 11.50 24.00
CA ASN B 128 -19.62 10.32 24.77
C ASN B 128 -19.44 9.04 23.94
N TYR B 129 -19.99 9.01 22.73
CA TYR B 129 -20.00 7.79 21.92
C TYR B 129 -19.03 7.91 20.75
N VAL B 130 -18.61 6.75 20.25
CA VAL B 130 -17.82 6.63 19.05
C VAL B 130 -18.52 5.65 18.14
N ALA B 131 -18.24 5.73 16.84
CA ALA B 131 -18.85 4.83 15.88
C ALA B 131 -17.81 4.34 14.90
N CYS B 132 -17.92 3.08 14.50
CA CYS B 132 -17.05 2.52 13.48
C CYS B 132 -17.87 1.61 12.56
N GLY B 133 -17.26 1.22 11.45
CA GLY B 133 -17.93 0.35 10.51
C GLY B 133 -17.01 0.03 9.35
N GLY B 134 -17.43 -0.95 8.56
CA GLY B 134 -16.63 -1.37 7.43
C GLY B 134 -17.26 -2.47 6.61
N LEU B 135 -16.44 -3.43 6.15
CA LEU B 135 -16.93 -4.49 5.28
C LEU B 135 -17.85 -5.46 5.99
N ASP B 136 -18.14 -5.25 7.28
CA ASP B 136 -19.02 -6.15 8.01
C ASP B 136 -20.48 -5.72 7.95
N ASN B 137 -20.82 -4.71 7.17
CA ASN B 137 -22.19 -4.24 6.95
C ASN B 137 -22.79 -3.55 8.17
N ILE B 138 -22.08 -3.50 9.29
CA ILE B 138 -22.65 -3.12 10.57
C ILE B 138 -21.93 -1.89 11.09
N CYS B 139 -22.70 -0.97 11.68
CA CYS B 139 -22.14 0.22 12.33
C CYS B 139 -22.16 0.00 13.83
N SER B 140 -20.98 -0.10 14.43
CA SER B 140 -20.85 -0.38 15.85
C SER B 140 -20.69 0.92 16.62
N ILE B 141 -21.51 1.10 17.66
CA ILE B 141 -21.49 2.30 18.50
C ILE B 141 -20.90 1.91 19.84
N TYR B 142 -19.81 2.58 20.23
CA TYR B 142 -19.09 2.30 21.46
C TYR B 142 -19.33 3.41 22.47
N ASN B 143 -19.74 3.02 23.68
CA ASN B 143 -19.96 3.97 24.76
C ASN B 143 -18.65 4.19 25.51
N LEU B 144 -18.08 5.38 25.40
CA LEU B 144 -16.76 5.65 25.94
C LEU B 144 -16.74 5.81 27.45
N LYS B 145 -17.82 6.30 28.05
CA LYS B 145 -17.81 6.69 29.45
C LYS B 145 -18.89 5.98 30.25
N THR B 146 -18.99 4.66 30.09
CA THR B 146 -19.88 3.88 30.93
C THR B 146 -19.45 3.99 32.39
N ARG B 147 -20.44 3.94 33.29
CA ARG B 147 -20.15 4.02 34.71
C ARG B 147 -19.15 2.94 35.14
N GLU B 148 -19.15 1.81 34.45
CA GLU B 148 -18.20 0.75 34.77
C GLU B 148 -16.76 1.24 34.57
N GLY B 149 -16.50 1.98 33.51
CA GLY B 149 -15.18 2.49 33.21
C GLY B 149 -14.54 1.91 31.97
N ASN B 150 -15.23 1.03 31.25
CA ASN B 150 -14.71 0.39 30.06
C ASN B 150 -15.57 0.74 28.85
N VAL B 151 -15.11 0.31 27.68
CA VAL B 151 -15.80 0.56 26.42
C VAL B 151 -16.52 -0.70 25.98
N ARG B 152 -17.83 -0.59 25.76
CA ARG B 152 -18.63 -1.71 25.32
C ARG B 152 -19.58 -1.23 24.23
N VAL B 153 -19.74 -2.04 23.19
CA VAL B 153 -20.61 -1.66 22.09
C VAL B 153 -21.99 -1.33 22.63
N SER B 154 -22.42 -0.08 22.44
CA SER B 154 -23.76 0.31 22.85
C SER B 154 -24.82 -0.32 21.96
N ARG B 155 -24.56 -0.40 20.66
CA ARG B 155 -25.48 -1.06 19.73
C ARG B 155 -24.79 -1.26 18.41
N GLU B 156 -25.13 -2.36 17.74
CA GLU B 156 -24.67 -2.63 16.39
C GLU B 156 -25.82 -2.41 15.43
N LEU B 157 -25.76 -1.31 14.68
CA LEU B 157 -26.79 -0.95 13.73
C LEU B 157 -26.59 -1.77 12.47
N ALA B 158 -27.58 -2.60 12.14
CA ALA B 158 -27.53 -3.50 11.00
C ALA B 158 -28.75 -3.28 10.13
N GLY B 159 -28.60 -3.61 8.85
CA GLY B 159 -29.66 -3.38 7.88
C GLY B 159 -29.13 -2.93 6.54
N HIS B 160 -27.82 -2.75 6.45
CA HIS B 160 -27.17 -2.44 5.18
C HIS B 160 -26.75 -3.72 4.48
N THR B 161 -26.85 -3.70 3.16
CA THR B 161 -26.47 -4.84 2.32
C THR B 161 -25.19 -4.59 1.54
N GLY B 162 -24.36 -3.65 2.01
CA GLY B 162 -23.13 -3.31 1.33
C GLY B 162 -21.96 -3.22 2.29
N TYR B 163 -21.27 -2.09 2.32
CA TYR B 163 -20.16 -1.89 3.26
C TYR B 163 -20.18 -0.43 3.68
N LEU B 164 -20.17 -0.19 4.99
CA LEU B 164 -20.09 1.18 5.48
C LEU B 164 -18.86 1.87 4.94
N SER B 165 -19.05 3.10 4.44
CA SER B 165 -17.95 3.90 3.93
C SER B 165 -17.72 5.17 4.72
N CYS B 166 -18.75 5.70 5.37
CA CYS B 166 -18.60 6.88 6.20
C CYS B 166 -19.86 7.05 7.04
N CYS B 167 -19.67 7.23 8.34
CA CYS B 167 -20.78 7.44 9.27
C CYS B 167 -20.49 8.67 10.12
N ARG B 168 -21.53 9.46 10.37
CA ARG B 168 -21.39 10.71 11.09
C ARG B 168 -22.58 10.89 12.03
N PHE B 169 -22.31 11.40 13.23
CA PHE B 169 -23.35 11.62 14.23
C PHE B 169 -24.05 12.96 13.97
N LEU B 170 -25.37 12.96 14.17
CA LEU B 170 -26.11 14.20 14.29
C LEU B 170 -26.33 14.60 15.73
N ASP B 171 -26.20 13.66 16.66
CA ASP B 171 -26.51 13.86 18.07
C ASP B 171 -26.02 12.61 18.80
N ASP B 172 -26.17 12.58 20.12
CA ASP B 172 -25.83 11.38 20.86
C ASP B 172 -26.72 10.20 20.50
N ASN B 173 -27.90 10.47 19.94
CA ASN B 173 -28.86 9.42 19.63
C ASN B 173 -28.85 9.04 18.15
N GLN B 174 -29.10 10.00 17.27
CA GLN B 174 -29.18 9.72 15.85
C GLN B 174 -27.80 9.57 15.24
N ILE B 175 -27.74 8.90 14.09
CA ILE B 175 -26.50 8.76 13.33
C ILE B 175 -26.87 8.63 11.87
N VAL B 176 -25.95 9.02 10.99
CA VAL B 176 -26.14 8.93 9.55
C VAL B 176 -25.01 8.08 8.96
N THR B 177 -25.39 7.08 8.17
CA THR B 177 -24.43 6.16 7.59
C THR B 177 -24.58 6.15 6.08
N SER B 178 -23.46 5.95 5.39
CA SER B 178 -23.44 5.78 3.95
C SER B 178 -22.83 4.42 3.66
N SER B 179 -23.50 3.63 2.82
CA SER B 179 -23.12 2.25 2.59
C SER B 179 -22.83 2.04 1.11
N GLY B 180 -22.16 0.94 0.81
CA GLY B 180 -21.80 0.61 -0.54
C GLY B 180 -22.91 -0.06 -1.32
N ASP B 181 -24.08 -0.20 -0.71
CA ASP B 181 -25.26 -0.72 -1.38
C ASP B 181 -26.01 0.36 -2.14
N THR B 182 -25.38 1.52 -2.36
CA THR B 182 -25.95 2.63 -3.11
C THR B 182 -27.05 3.36 -2.34
N THR B 183 -27.06 3.25 -1.02
CA THR B 183 -28.07 3.93 -0.21
C THR B 183 -27.42 4.48 1.05
N CYS B 184 -28.02 5.54 1.58
CA CYS B 184 -27.67 6.09 2.88
C CYS B 184 -28.81 5.84 3.84
N ALA B 185 -28.54 6.04 5.12
CA ALA B 185 -29.56 5.77 6.13
C ALA B 185 -29.37 6.71 7.31
N LEU B 186 -30.49 7.03 7.96
CA LEU B 186 -30.50 7.78 9.21
C LEU B 186 -31.06 6.84 10.26
N TRP B 187 -30.20 6.46 11.21
CA TRP B 187 -30.51 5.51 12.27
C TRP B 187 -30.85 6.25 13.57
N ASP B 188 -31.83 5.71 14.28
CA ASP B 188 -32.09 6.06 15.68
C ASP B 188 -31.43 5.00 16.54
N ILE B 189 -30.36 5.36 17.24
CA ILE B 189 -29.58 4.36 17.95
C ILE B 189 -30.36 3.71 19.08
N GLU B 190 -31.24 4.47 19.75
CA GLU B 190 -31.96 3.93 20.90
C GLU B 190 -32.84 2.74 20.53
N THR B 191 -33.17 2.55 19.25
CA THR B 191 -34.02 1.44 18.84
C THR B 191 -33.31 0.55 17.85
N GLY B 192 -32.36 1.11 17.09
CA GLY B 192 -31.64 0.35 16.09
C GLY B 192 -32.27 0.34 14.72
N GLN B 193 -33.47 0.89 14.56
CA GLN B 193 -34.15 0.92 13.28
C GLN B 193 -33.72 2.16 12.49
N GLN B 194 -33.71 2.02 11.17
CA GLN B 194 -33.42 3.15 10.30
C GLN B 194 -34.59 4.11 10.36
N THR B 195 -34.38 5.28 10.96
CA THR B 195 -35.43 6.29 10.96
C THR B 195 -35.80 6.67 9.53
N THR B 196 -34.80 6.81 8.66
CA THR B 196 -35.07 7.07 7.24
C THR B 196 -34.01 6.40 6.39
N THR B 197 -34.33 6.24 5.11
CA THR B 197 -33.40 5.67 4.15
C THR B 197 -33.43 6.50 2.86
N PHE B 198 -32.23 6.73 2.31
CA PHE B 198 -32.05 7.53 1.10
C PHE B 198 -31.58 6.60 0.00
N THR B 199 -32.35 6.51 -1.08
CA THR B 199 -32.10 5.53 -2.13
C THR B 199 -31.87 6.12 -3.51
N GLY B 200 -31.52 7.40 -3.61
CA GLY B 200 -31.43 8.05 -4.90
C GLY B 200 -30.24 7.66 -5.76
N HIS B 201 -29.15 7.19 -5.13
CA HIS B 201 -27.92 6.98 -5.87
C HIS B 201 -28.03 5.75 -6.77
N THR B 202 -27.14 5.68 -7.77
CA THR B 202 -27.04 4.53 -8.65
C THR B 202 -25.70 3.83 -8.59
N GLY B 203 -24.73 4.36 -7.87
CA GLY B 203 -23.48 3.66 -7.61
C GLY B 203 -23.24 3.56 -6.13
N ASP B 204 -22.05 3.13 -5.72
CA ASP B 204 -21.75 3.09 -4.30
C ASP B 204 -21.79 4.50 -3.73
N VAL B 205 -21.76 4.59 -2.40
CA VAL B 205 -21.68 5.87 -1.71
C VAL B 205 -20.43 5.83 -0.84
N MET B 206 -19.51 6.77 -1.07
CA MET B 206 -18.17 6.67 -0.52
C MET B 206 -17.82 7.75 0.50
N SER B 207 -18.73 8.65 0.84
CA SER B 207 -18.39 9.70 1.81
C SER B 207 -19.64 10.48 2.15
N LEU B 208 -19.47 11.43 3.07
CA LEU B 208 -20.59 12.15 3.68
C LEU B 208 -20.12 13.52 4.12
N SER B 209 -21.07 14.39 4.42
CA SER B 209 -20.79 15.67 5.02
C SER B 209 -22.08 16.28 5.55
N LEU B 210 -22.10 16.69 6.82
CA LEU B 210 -23.28 17.24 7.44
C LEU B 210 -23.21 18.76 7.49
N ALA B 211 -24.33 19.38 7.23
CA ALA B 211 -24.37 20.83 7.32
C ALA B 211 -24.12 21.27 8.76
N PRO B 212 -23.54 22.45 8.96
CA PRO B 212 -23.33 22.93 10.34
C PRO B 212 -24.60 22.89 11.17
N ASP B 213 -25.75 23.22 10.57
CA ASP B 213 -27.03 23.08 11.25
C ASP B 213 -27.55 21.65 11.25
N THR B 214 -26.95 20.77 10.45
CA THR B 214 -27.28 19.35 10.38
C THR B 214 -28.66 19.08 9.79
N ARG B 215 -29.30 20.08 9.19
CA ARG B 215 -30.57 19.85 8.51
C ARG B 215 -30.39 19.27 7.12
N LEU B 216 -29.18 19.34 6.56
CA LEU B 216 -28.90 18.82 5.24
C LEU B 216 -27.58 18.06 5.29
N PHE B 217 -27.38 17.18 4.31
CA PHE B 217 -26.10 16.50 4.21
C PHE B 217 -25.94 15.99 2.78
N VAL B 218 -24.70 15.95 2.32
CA VAL B 218 -24.40 15.58 0.94
C VAL B 218 -23.66 14.25 0.93
N SER B 219 -23.95 13.44 -0.08
CA SER B 219 -23.31 12.15 -0.28
C SER B 219 -22.67 12.12 -1.65
N GLY B 220 -21.41 11.70 -1.70
CA GLY B 220 -20.70 11.48 -2.94
C GLY B 220 -20.69 9.99 -3.25
N ALA B 221 -20.94 9.67 -4.51
CA ALA B 221 -21.14 8.28 -4.93
C ALA B 221 -20.12 7.92 -6.01
N CYS B 222 -20.19 6.68 -6.47
CA CYS B 222 -19.35 6.19 -7.55
C CYS B 222 -20.05 6.29 -8.90
N ASP B 223 -21.21 6.94 -8.96
CA ASP B 223 -21.84 7.27 -10.22
C ASP B 223 -21.39 8.63 -10.74
N ALA B 224 -20.36 9.22 -10.11
CA ALA B 224 -19.83 10.51 -10.53
C ALA B 224 -20.88 11.61 -10.34
N SER B 225 -21.54 11.60 -9.18
CA SER B 225 -22.55 12.61 -8.86
C SER B 225 -22.67 12.71 -7.35
N ALA B 226 -22.80 13.95 -6.87
CA ALA B 226 -23.09 14.22 -5.47
C ALA B 226 -24.57 14.53 -5.32
N LYS B 227 -25.11 14.24 -4.14
CA LYS B 227 -26.52 14.48 -3.90
C LYS B 227 -26.68 15.18 -2.56
N LEU B 228 -27.68 16.06 -2.48
CA LEU B 228 -27.98 16.81 -1.27
C LEU B 228 -29.31 16.31 -0.71
N TRP B 229 -29.28 15.75 0.49
CA TRP B 229 -30.46 15.20 1.13
C TRP B 229 -30.85 16.06 2.33
N ASP B 230 -32.15 16.19 2.53
CA ASP B 230 -32.69 16.76 3.75
C ASP B 230 -32.99 15.62 4.73
N VAL B 231 -32.44 15.73 5.94
CA VAL B 231 -32.49 14.61 6.87
C VAL B 231 -33.93 14.32 7.27
N ARG B 232 -34.76 15.34 7.42
CA ARG B 232 -36.12 15.13 7.91
C ARG B 232 -37.00 14.50 6.84
N GLU B 233 -37.21 15.21 5.73
CA GLU B 233 -38.10 14.71 4.69
C GLU B 233 -37.56 13.43 4.07
N GLY B 234 -36.29 13.42 3.67
CA GLY B 234 -35.66 12.22 3.17
C GLY B 234 -35.77 12.02 1.67
N MET B 235 -35.51 13.06 0.89
CA MET B 235 -35.43 12.94 -0.56
C MET B 235 -34.40 13.93 -1.08
N CYS B 236 -33.66 13.52 -2.10
CA CYS B 236 -32.59 14.34 -2.64
C CYS B 236 -33.15 15.67 -3.12
N ARG B 237 -32.67 16.76 -2.52
CA ARG B 237 -33.09 18.08 -2.96
C ARG B 237 -32.39 18.52 -4.23
N GLN B 238 -31.11 18.18 -4.41
CA GLN B 238 -30.36 18.57 -5.58
C GLN B 238 -29.35 17.49 -5.93
N THR B 239 -29.00 17.42 -7.21
CA THR B 239 -27.98 16.52 -7.71
C THR B 239 -26.95 17.31 -8.49
N PHE B 240 -25.68 17.03 -8.22
CA PHE B 240 -24.55 17.75 -8.80
C PHE B 240 -23.74 16.77 -9.63
N THR B 241 -23.67 17.02 -10.94
CA THR B 241 -23.13 16.07 -11.91
C THR B 241 -22.04 16.70 -12.75
N GLY B 242 -21.11 17.39 -12.10
CA GLY B 242 -20.00 17.99 -12.81
C GLY B 242 -18.83 17.04 -12.98
N HIS B 243 -18.72 16.05 -12.11
CA HIS B 243 -17.59 15.14 -12.13
C HIS B 243 -17.70 14.19 -13.33
N GLU B 244 -16.68 13.34 -13.48
CA GLU B 244 -16.70 12.35 -14.53
C GLU B 244 -16.16 10.99 -14.07
N SER B 245 -16.08 10.74 -12.78
CA SER B 245 -15.62 9.45 -12.28
C SER B 245 -16.05 9.31 -10.83
N ASP B 246 -15.55 8.28 -10.16
CA ASP B 246 -15.96 7.99 -8.79
C ASP B 246 -15.58 9.13 -7.86
N ILE B 247 -16.48 9.47 -6.94
CA ILE B 247 -16.24 10.51 -5.94
C ILE B 247 -15.87 9.83 -4.62
N ASN B 248 -14.68 10.13 -4.12
CA ASN B 248 -14.14 9.48 -2.94
C ASN B 248 -14.18 10.34 -1.69
N ALA B 249 -14.56 11.61 -1.79
CA ALA B 249 -14.47 12.52 -0.65
C ALA B 249 -15.41 13.68 -0.86
N ILE B 250 -15.85 14.28 0.24
CA ILE B 250 -16.76 15.41 0.17
C ILE B 250 -16.82 16.12 1.52
N CYS B 251 -16.87 17.46 1.49
CA CYS B 251 -16.96 18.26 2.69
C CYS B 251 -17.61 19.60 2.35
N PHE B 252 -18.36 20.15 3.30
CA PHE B 252 -19.00 21.44 3.09
C PHE B 252 -18.02 22.59 3.27
N PHE B 253 -18.43 23.73 2.75
CA PHE B 253 -17.87 25.03 3.09
C PHE B 253 -18.39 25.44 4.46
N PRO B 254 -17.54 25.97 5.35
CA PRO B 254 -18.00 26.25 6.72
C PRO B 254 -19.34 26.95 6.82
N ASN B 255 -19.75 27.71 5.81
CA ASN B 255 -21.01 28.43 5.88
C ASN B 255 -22.19 27.60 5.41
N GLY B 256 -21.94 26.40 4.88
CA GLY B 256 -23.00 25.48 4.52
C GLY B 256 -23.65 25.71 3.18
N ASN B 257 -23.22 26.75 2.43
CA ASN B 257 -23.79 27.04 1.12
C ASN B 257 -22.83 26.70 -0.01
N ALA B 258 -22.01 25.68 0.15
CA ALA B 258 -21.09 25.21 -0.89
C ALA B 258 -20.37 24.00 -0.33
N PHE B 259 -19.74 23.24 -1.20
CA PHE B 259 -19.02 22.04 -0.76
C PHE B 259 -18.04 21.64 -1.85
N ALA B 260 -17.15 20.71 -1.50
CA ALA B 260 -16.07 20.31 -2.39
C ALA B 260 -15.96 18.80 -2.41
N THR B 261 -15.78 18.26 -3.61
CA THR B 261 -15.72 16.81 -3.81
C THR B 261 -14.45 16.47 -4.57
N GLY B 262 -13.78 15.40 -4.13
CA GLY B 262 -12.64 14.86 -4.85
C GLY B 262 -13.01 13.52 -5.43
N SER B 263 -12.47 13.23 -6.61
CA SER B 263 -12.85 12.04 -7.36
C SER B 263 -11.61 11.30 -7.82
N ASP B 264 -11.82 10.23 -8.58
CA ASP B 264 -10.74 9.52 -9.26
C ASP B 264 -10.35 10.20 -10.57
N ASP B 265 -11.08 11.25 -10.95
CA ASP B 265 -10.70 12.08 -12.09
C ASP B 265 -9.41 12.84 -11.82
N ALA B 266 -8.95 12.88 -10.56
CA ALA B 266 -7.77 13.63 -10.16
C ALA B 266 -8.05 15.12 -10.11
N THR B 267 -9.29 15.49 -9.80
CA THR B 267 -9.69 16.89 -9.69
C THR B 267 -10.63 17.05 -8.51
N CYS B 268 -10.35 18.04 -7.67
CA CYS B 268 -11.34 18.51 -6.72
C CYS B 268 -12.27 19.48 -7.43
N ARG B 269 -13.50 19.59 -6.94
CA ARG B 269 -14.44 20.52 -7.53
C ARG B 269 -15.31 21.11 -6.44
N LEU B 270 -15.47 22.43 -6.49
CA LEU B 270 -16.28 23.17 -5.53
C LEU B 270 -17.61 23.46 -6.19
N PHE B 271 -18.66 22.81 -5.68
CA PHE B 271 -20.04 23.05 -6.07
C PHE B 271 -20.69 24.02 -5.09
N ASP B 272 -21.74 24.68 -5.56
CA ASP B 272 -22.56 25.52 -4.71
C ASP B 272 -23.99 24.98 -4.68
N LEU B 273 -24.70 25.28 -3.61
CA LEU B 273 -26.05 24.78 -3.40
C LEU B 273 -27.12 25.73 -3.88
N ARG B 274 -26.96 27.04 -3.67
CA ARG B 274 -27.96 28.00 -4.12
C ARG B 274 -27.90 28.24 -5.62
N ALA B 275 -26.73 28.08 -6.24
CA ALA B 275 -26.63 28.13 -7.69
C ALA B 275 -26.87 26.78 -8.35
N ASP B 276 -26.86 25.69 -7.58
CA ASP B 276 -27.19 24.37 -8.08
C ASP B 276 -26.25 23.93 -9.19
N GLN B 277 -25.01 24.41 -9.16
CA GLN B 277 -24.08 24.11 -10.24
C GLN B 277 -22.65 24.21 -9.74
N GLU B 278 -21.74 23.56 -10.46
CA GLU B 278 -20.32 23.63 -10.16
C GLU B 278 -19.84 25.07 -10.19
N LEU B 279 -18.98 25.42 -9.22
CA LEU B 279 -18.38 26.75 -9.15
C LEU B 279 -16.92 26.77 -9.60
N MET B 280 -16.12 25.78 -9.21
CA MET B 280 -14.71 25.84 -9.54
C MET B 280 -14.11 24.44 -9.61
N THR B 281 -13.01 24.34 -10.34
CA THR B 281 -12.26 23.10 -10.50
C THR B 281 -10.82 23.29 -10.02
N TYR B 282 -10.29 22.29 -9.32
CA TYR B 282 -8.95 22.31 -8.79
C TYR B 282 -8.23 21.08 -9.34
N SER B 283 -7.31 21.32 -10.28
CA SER B 283 -6.60 20.24 -10.94
C SER B 283 -5.26 20.78 -11.45
N HIS B 284 -4.37 19.86 -11.79
CA HIS B 284 -3.11 20.22 -12.40
C HIS B 284 -2.74 19.13 -13.40
N ASP B 285 -2.23 19.55 -14.57
CA ASP B 285 -1.88 18.60 -15.61
C ASP B 285 -0.88 17.57 -15.11
N ASN B 286 -0.01 17.96 -14.18
CA ASN B 286 0.98 17.04 -13.63
C ASN B 286 0.36 16.03 -12.67
N ILE B 287 -0.90 16.18 -12.31
CA ILE B 287 -1.59 15.27 -11.40
C ILE B 287 -2.61 14.47 -12.20
N ILE B 288 -2.53 13.15 -12.12
CA ILE B 288 -3.53 12.28 -12.71
C ILE B 288 -3.95 11.21 -11.71
N CYS B 289 -3.44 11.30 -10.48
CA CYS B 289 -3.79 10.35 -9.44
C CYS B 289 -5.13 10.74 -8.81
N GLY B 290 -5.76 9.77 -8.15
CA GLY B 290 -7.08 9.98 -7.58
C GLY B 290 -7.00 10.70 -6.24
N ILE B 291 -8.08 11.38 -5.90
CA ILE B 291 -8.21 12.07 -4.62
C ILE B 291 -8.98 11.18 -3.66
N THR B 292 -8.59 11.23 -2.38
CA THR B 292 -9.16 10.34 -1.38
C THR B 292 -9.78 11.06 -0.19
N SER B 293 -9.55 12.36 -0.04
CA SER B 293 -10.09 13.10 1.09
C SER B 293 -9.90 14.58 0.84
N VAL B 294 -10.92 15.36 1.20
CA VAL B 294 -10.86 16.81 1.09
C VAL B 294 -11.33 17.40 2.41
N SER B 295 -10.89 18.62 2.70
CA SER B 295 -11.28 19.32 3.91
C SER B 295 -11.06 20.80 3.69
N PHE B 296 -11.67 21.60 4.56
CA PHE B 296 -11.52 23.05 4.53
C PHE B 296 -10.87 23.50 5.83
N SER B 297 -10.59 24.80 5.92
CA SER B 297 -10.13 25.42 7.14
C SER B 297 -11.31 26.13 7.80
N LYS B 298 -11.07 26.70 8.98
CA LYS B 298 -12.15 27.32 9.73
C LYS B 298 -12.82 28.45 8.97
N SER B 299 -12.14 29.04 7.99
CA SER B 299 -12.70 30.12 7.18
C SER B 299 -13.17 29.67 5.81
N GLY B 300 -12.61 28.58 5.29
CA GLY B 300 -12.97 28.06 3.98
C GLY B 300 -12.07 28.50 2.86
N ARG B 301 -11.03 29.27 3.16
CA ARG B 301 -10.11 29.79 2.14
C ARG B 301 -9.06 28.77 1.74
N LEU B 302 -8.95 27.63 2.40
CA LEU B 302 -7.94 26.63 2.07
C LEU B 302 -8.61 25.27 1.93
N LEU B 303 -8.64 24.75 0.71
CA LEU B 303 -9.14 23.39 0.48
C LEU B 303 -7.95 22.44 0.50
N LEU B 304 -7.80 21.70 1.58
CA LEU B 304 -6.81 20.64 1.65
C LEU B 304 -7.35 19.40 0.95
N ALA B 305 -6.47 18.72 0.22
CA ALA B 305 -6.84 17.51 -0.51
C ALA B 305 -5.77 16.46 -0.28
N GLY B 306 -6.19 15.20 -0.25
CA GLY B 306 -5.27 14.10 -0.04
C GLY B 306 -5.29 13.13 -1.21
N TYR B 307 -4.16 12.97 -1.87
CA TYR B 307 -4.08 12.22 -3.12
C TYR B 307 -3.54 10.82 -2.89
N ASP B 308 -3.51 10.05 -3.97
CA ASP B 308 -2.95 8.70 -3.95
C ASP B 308 -1.45 8.66 -4.20
N ASP B 309 -0.83 9.82 -4.46
CA ASP B 309 0.59 9.89 -4.78
C ASP B 309 1.45 10.13 -3.54
N PHE B 310 1.03 9.64 -2.38
CA PHE B 310 1.74 9.66 -1.11
C PHE B 310 1.70 11.03 -0.44
N ASN B 311 1.15 12.07 -1.07
CA ASN B 311 1.20 13.40 -0.47
C ASN B 311 -0.18 14.07 -0.52
N CYS B 312 -0.22 15.36 -0.19
CA CYS B 312 -1.45 16.11 -0.16
C CYS B 312 -1.23 17.41 -0.94
N ASN B 313 -2.23 18.28 -0.88
CA ASN B 313 -2.14 19.60 -1.49
C ASN B 313 -3.03 20.55 -0.72
N VAL B 314 -2.76 21.85 -0.87
CA VAL B 314 -3.52 22.90 -0.19
C VAL B 314 -3.82 23.94 -1.24
N TRP B 315 -5.06 23.99 -1.69
CA TRP B 315 -5.51 24.90 -2.74
C TRP B 315 -6.13 26.14 -2.14
N ASP B 316 -5.87 27.28 -2.76
CA ASP B 316 -6.57 28.52 -2.41
C ASP B 316 -7.96 28.42 -3.02
N ALA B 317 -8.95 28.04 -2.21
CA ALA B 317 -10.26 27.68 -2.73
C ALA B 317 -10.83 28.71 -3.69
N LEU B 318 -10.38 29.96 -3.60
CA LEU B 318 -10.90 31.01 -4.48
C LEU B 318 -10.01 31.27 -5.69
N LYS B 319 -8.71 31.02 -5.60
CA LYS B 319 -7.82 31.15 -6.75
C LYS B 319 -7.57 29.84 -7.48
N ALA B 320 -7.88 28.70 -6.86
CA ALA B 320 -7.64 27.38 -7.43
C ALA B 320 -6.15 27.11 -7.65
N ASP B 321 -5.27 27.95 -7.14
CA ASP B 321 -3.84 27.76 -7.26
C ASP B 321 -3.34 26.95 -6.08
N ARG B 322 -2.33 26.12 -6.31
CA ARG B 322 -1.79 25.26 -5.27
C ARG B 322 -1.01 26.13 -4.29
N ALA B 323 -1.64 26.48 -3.18
CA ALA B 323 -1.00 27.32 -2.18
C ALA B 323 0.04 26.57 -1.36
N GLY B 324 0.00 25.25 -1.34
CA GLY B 324 1.01 24.51 -0.60
C GLY B 324 0.87 23.01 -0.79
N VAL B 325 1.80 22.28 -0.17
CA VAL B 325 1.82 20.82 -0.21
C VAL B 325 2.11 20.31 1.19
N LEU B 326 1.73 19.05 1.44
CA LEU B 326 2.00 18.38 2.71
C LEU B 326 2.57 17.01 2.36
N ALA B 327 3.89 16.95 2.19
CA ALA B 327 4.58 15.73 1.78
C ALA B 327 5.38 15.21 2.97
N GLY B 328 4.75 14.35 3.77
CA GLY B 328 5.44 13.72 4.88
C GLY B 328 5.02 12.27 5.08
N HIS B 329 4.14 11.77 4.23
CA HIS B 329 3.64 10.41 4.33
C HIS B 329 4.37 9.51 3.34
N ASP B 330 4.13 8.21 3.48
CA ASP B 330 4.85 7.19 2.73
C ASP B 330 3.99 6.46 1.71
N ASN B 331 2.80 6.01 2.11
CA ASN B 331 2.01 5.09 1.29
C ASN B 331 0.78 5.76 0.69
N ARG B 332 -0.07 6.37 1.50
CA ARG B 332 -1.31 6.95 0.99
C ARG B 332 -2.00 7.77 2.08
N VAL B 333 -2.49 8.95 1.74
CA VAL B 333 -3.26 9.74 2.70
C VAL B 333 -4.72 9.28 2.61
N SER B 334 -5.10 8.35 3.47
CA SER B 334 -6.42 7.75 3.43
C SER B 334 -7.49 8.60 4.09
N CYS B 335 -7.14 9.44 5.05
CA CYS B 335 -8.11 10.38 5.58
C CYS B 335 -7.39 11.65 6.02
N LEU B 336 -8.13 12.75 5.96
CA LEU B 336 -7.57 14.07 6.21
C LEU B 336 -8.65 14.94 6.86
N GLY B 337 -8.30 15.63 7.93
CA GLY B 337 -9.30 16.40 8.63
C GLY B 337 -8.78 17.57 9.44
N VAL B 338 -9.50 18.68 9.41
CA VAL B 338 -9.13 19.89 10.15
C VAL B 338 -10.02 19.98 11.38
N THR B 339 -9.45 20.50 12.46
CA THR B 339 -10.16 20.63 13.71
C THR B 339 -11.24 21.69 13.60
N ASP B 340 -12.18 21.66 14.54
CA ASP B 340 -13.27 22.64 14.53
C ASP B 340 -12.79 24.06 14.80
N ASP B 341 -11.58 24.23 15.37
CA ASP B 341 -11.01 25.55 15.56
C ASP B 341 -9.93 25.89 14.55
N GLY B 342 -9.57 24.95 13.68
CA GLY B 342 -8.58 25.19 12.64
C GLY B 342 -7.15 25.15 13.10
N MET B 343 -6.89 24.85 14.37
CA MET B 343 -5.54 24.93 14.91
C MET B 343 -4.62 23.84 14.37
N ALA B 344 -5.13 22.80 13.73
CA ALA B 344 -4.29 21.73 13.23
C ALA B 344 -5.04 20.98 12.15
N VAL B 345 -4.30 20.15 11.40
CA VAL B 345 -4.88 19.29 10.39
C VAL B 345 -4.21 17.94 10.46
N ALA B 346 -4.98 16.90 10.76
CA ALA B 346 -4.45 15.56 10.93
C ALA B 346 -4.70 14.73 9.68
N THR B 347 -3.63 14.07 9.23
CA THR B 347 -3.70 13.19 8.06
C THR B 347 -3.33 11.79 8.51
N GLY B 348 -4.28 10.86 8.40
CA GLY B 348 -4.04 9.47 8.70
C GLY B 348 -3.80 8.71 7.42
N SER B 349 -2.65 8.05 7.34
CA SER B 349 -2.19 7.45 6.10
C SER B 349 -2.10 5.94 6.21
N TRP B 350 -1.90 5.30 5.06
CA TRP B 350 -1.79 3.85 4.98
C TRP B 350 -0.49 3.33 5.56
N ASP B 351 0.47 4.20 5.86
CA ASP B 351 1.69 3.79 6.57
C ASP B 351 1.47 3.64 8.06
N SER B 352 0.21 3.69 8.52
CA SER B 352 -0.14 3.44 9.91
C SER B 352 0.25 4.59 10.83
N PHE B 353 0.30 5.81 10.30
CA PHE B 353 0.63 6.99 11.09
C PHE B 353 -0.37 8.11 10.85
N LEU B 354 -0.65 8.85 11.91
CA LEU B 354 -1.32 10.13 11.83
C LEU B 354 -0.29 11.23 12.00
N LYS B 355 -0.25 12.16 11.04
CA LYS B 355 0.61 13.32 11.12
C LYS B 355 -0.25 14.55 11.33
N ILE B 356 0.02 15.28 12.40
CA ILE B 356 -0.77 16.46 12.77
C ILE B 356 0.04 17.68 12.38
N TRP B 357 -0.35 18.31 11.28
CA TRP B 357 0.31 19.49 10.76
C TRP B 357 -0.38 20.73 11.28
N ASN B 358 0.26 21.88 11.07
CA ASN B 358 -0.30 23.14 11.50
C ASN B 358 0.43 24.32 10.85
N THR C 9 1.08 24.22 39.31
CA THR C 9 0.23 23.25 38.61
C THR C 9 0.47 21.84 39.16
N GLU C 10 -0.43 21.37 40.02
CA GLU C 10 -0.36 20.04 40.59
C GLU C 10 -1.45 19.11 40.07
N ASP C 11 -2.68 19.61 39.94
CA ASP C 11 -3.72 18.80 39.30
C ASP C 11 -3.36 18.51 37.85
N GLN C 12 -2.68 19.45 37.19
CA GLN C 12 -2.18 19.18 35.84
C GLN C 12 -1.21 18.00 35.85
N ARG C 13 -0.31 17.96 36.83
CA ARG C 13 0.62 16.84 36.92
C ARG C 13 -0.12 15.54 37.23
N ASN C 14 -1.14 15.60 38.08
CA ASN C 14 -1.92 14.40 38.38
C ASN C 14 -2.61 13.87 37.13
N GLU C 15 -3.23 14.76 36.35
CA GLU C 15 -3.89 14.33 35.12
C GLU C 15 -2.87 13.78 34.12
N GLU C 16 -1.70 14.43 34.03
CA GLU C 16 -0.68 13.96 33.10
C GLU C 16 -0.19 12.56 33.48
N LYS C 17 0.03 12.32 34.78
CA LYS C 17 0.50 11.01 35.20
C LYS C 17 -0.58 9.96 34.97
N ALA C 18 -1.85 10.32 35.20
CA ALA C 18 -2.93 9.38 34.93
C ALA C 18 -3.00 9.02 33.45
N GLN C 19 -2.88 10.03 32.58
CA GLN C 19 -2.90 9.76 31.15
C GLN C 19 -1.70 8.94 30.72
N ARG C 20 -0.55 9.16 31.35
CA ARG C 20 0.64 8.38 31.00
C ARG C 20 0.49 6.93 31.46
N GLU C 21 -0.13 6.71 32.62
CA GLU C 21 -0.41 5.34 33.05
C GLU C 21 -1.35 4.64 32.07
N ALA C 22 -2.41 5.35 31.65
CA ALA C 22 -3.33 4.78 30.67
C ALA C 22 -2.61 4.47 29.37
N ASN C 23 -1.74 5.38 28.92
CA ASN C 23 -0.97 5.17 27.70
C ASN C 23 -0.06 3.96 27.84
N LYS C 24 0.56 3.78 29.01
CA LYS C 24 1.43 2.64 29.21
C LYS C 24 0.65 1.33 29.11
N LYS C 25 -0.52 1.27 29.75
CA LYS C 25 -1.34 0.06 29.65
C LYS C 25 -1.77 -0.20 28.21
N ILE C 26 -2.20 0.85 27.51
CA ILE C 26 -2.67 0.69 26.14
C ILE C 26 -1.53 0.20 25.26
N GLU C 27 -0.34 0.75 25.45
CA GLU C 27 0.81 0.34 24.64
C GLU C 27 1.23 -1.09 24.95
N LYS C 28 1.13 -1.51 26.21
CA LYS C 28 1.39 -2.91 26.53
C LYS C 28 0.42 -3.83 25.79
N GLN C 29 -0.87 -3.49 25.83
CA GLN C 29 -1.85 -4.32 25.12
C GLN C 29 -1.60 -4.29 23.62
N LEU C 30 -1.22 -3.15 23.05
CA LEU C 30 -0.97 -3.08 21.63
C LEU C 30 0.28 -3.86 21.24
N GLN C 31 1.29 -3.89 22.11
CA GLN C 31 2.44 -4.74 21.85
C GLN C 31 2.06 -6.21 21.82
N LYS C 32 1.23 -6.63 22.78
CA LYS C 32 0.74 -8.01 22.76
C LYS C 32 -0.02 -8.30 21.46
N ASP C 33 -0.90 -7.38 21.07
CA ASP C 33 -1.69 -7.59 19.86
C ASP C 33 -0.82 -7.56 18.62
N LYS C 34 0.31 -6.84 18.64
CA LYS C 34 1.23 -6.88 17.52
C LYS C 34 1.95 -8.22 17.46
N GLN C 35 2.37 -8.74 18.60
CA GLN C 35 2.96 -10.07 18.62
C GLN C 35 1.98 -11.12 18.12
N VAL C 36 0.68 -10.88 18.30
CA VAL C 36 -0.32 -11.80 17.77
C VAL C 36 -0.68 -11.52 16.30
N TYR C 37 -0.50 -10.29 15.82
CA TYR C 37 -0.91 -9.89 14.48
C TYR C 37 0.17 -10.14 13.44
N ARG C 38 1.44 -9.90 13.77
CA ARG C 38 2.50 -10.15 12.80
C ARG C 38 2.56 -11.62 12.41
N ALA C 39 2.15 -12.51 13.29
CA ALA C 39 2.16 -13.95 13.04
C ALA C 39 0.84 -14.45 12.47
N THR C 40 0.08 -13.58 11.83
CA THR C 40 -1.23 -13.94 11.26
C THR C 40 -1.27 -13.46 9.81
N HIS C 41 -1.42 -14.41 8.89
CA HIS C 41 -1.46 -14.11 7.46
C HIS C 41 -2.90 -13.96 7.00
N ARG C 42 -3.18 -12.87 6.28
CA ARG C 42 -4.51 -12.63 5.74
C ARG C 42 -4.65 -13.32 4.39
N LEU C 43 -5.90 -13.42 3.93
CA LEU C 43 -6.21 -14.03 2.65
C LEU C 43 -7.48 -13.38 2.11
N LEU C 44 -8.00 -13.94 1.02
CA LEU C 44 -9.26 -13.50 0.44
C LEU C 44 -9.78 -14.64 -0.41
N LEU C 45 -11.10 -14.78 -0.47
CA LEU C 45 -11.74 -15.93 -1.10
C LEU C 45 -12.72 -15.46 -2.17
N LEU C 46 -12.23 -14.62 -3.06
CA LEU C 46 -13.01 -14.15 -4.19
C LEU C 46 -13.77 -15.28 -4.87
N GLY C 47 -15.08 -15.13 -4.97
CA GLY C 47 -15.91 -16.07 -5.70
C GLY C 47 -16.52 -15.43 -6.93
N ALA C 48 -16.12 -15.87 -8.11
CA ALA C 48 -16.63 -15.33 -9.36
C ALA C 48 -17.97 -15.99 -9.73
N GLY C 49 -18.94 -15.80 -8.84
CA GLY C 49 -20.26 -16.39 -9.03
C GLY C 49 -20.43 -17.67 -8.23
N GLU C 50 -21.23 -18.60 -8.75
CA GLU C 50 -21.46 -19.88 -8.10
C GLU C 50 -20.38 -20.89 -8.51
N SER C 51 -19.12 -20.47 -8.35
CA SER C 51 -17.96 -21.29 -8.64
C SER C 51 -17.38 -21.78 -7.32
N GLY C 52 -17.69 -23.02 -6.94
CA GLY C 52 -17.28 -23.53 -5.66
C GLY C 52 -17.71 -22.62 -4.53
N LYS C 53 -16.78 -22.27 -3.63
CA LYS C 53 -17.03 -21.25 -2.63
C LYS C 53 -17.98 -21.75 -1.54
N SER C 54 -18.49 -22.97 -1.68
CA SER C 54 -19.38 -23.57 -0.70
C SER C 54 -18.85 -24.90 -0.15
N THR C 55 -18.19 -25.70 -0.97
CA THR C 55 -17.50 -26.91 -0.51
C THR C 55 -16.02 -26.66 -0.26
N ILE C 56 -15.39 -25.80 -1.07
CA ILE C 56 -13.98 -25.47 -0.86
C ILE C 56 -13.79 -24.77 0.48
N VAL C 57 -14.77 -23.96 0.90
CA VAL C 57 -14.67 -23.28 2.18
C VAL C 57 -14.58 -24.29 3.32
N LYS C 58 -15.37 -25.36 3.25
CA LYS C 58 -15.40 -26.36 4.32
C LYS C 58 -14.11 -27.15 4.45
N GLN C 59 -13.27 -27.17 3.41
CA GLN C 59 -11.95 -27.77 3.52
C GLN C 59 -10.93 -26.84 4.15
N MET C 60 -11.12 -25.52 4.04
CA MET C 60 -10.39 -24.57 4.87
C MET C 60 -11.16 -24.37 6.18
N ARG C 61 -11.03 -25.36 7.06
CA ARG C 61 -11.73 -25.37 8.33
C ARG C 61 -10.79 -25.79 9.46
N SER C 205 -24.50 -9.41 7.07
CA SER C 205 -23.58 -10.53 7.10
C SER C 205 -22.55 -10.40 5.98
N GLY C 206 -21.52 -9.59 6.22
CA GLY C 206 -20.52 -9.31 5.22
C GLY C 206 -19.34 -10.27 5.27
N ILE C 207 -18.14 -9.73 5.46
CA ILE C 207 -16.93 -10.53 5.51
C ILE C 207 -17.11 -11.65 6.52
N PHE C 208 -17.05 -12.89 6.07
CA PHE C 208 -17.00 -14.05 6.95
C PHE C 208 -15.54 -14.40 7.20
N GLU C 209 -15.11 -14.30 8.45
CA GLU C 209 -13.71 -14.50 8.82
C GLU C 209 -13.56 -15.86 9.47
N THR C 210 -12.86 -16.77 8.79
CA THR C 210 -12.48 -18.03 9.39
C THR C 210 -11.01 -17.97 9.80
N LYS C 211 -10.65 -18.81 10.77
CA LYS C 211 -9.30 -18.82 11.34
C LYS C 211 -8.85 -20.27 11.42
N PHE C 212 -8.17 -20.75 10.39
CA PHE C 212 -7.59 -22.08 10.40
C PHE C 212 -6.10 -21.98 10.67
N GLN C 213 -5.54 -23.08 11.17
CA GLN C 213 -4.15 -23.11 11.64
C GLN C 213 -3.45 -24.30 11.01
N VAL C 214 -2.51 -24.03 10.10
CA VAL C 214 -1.75 -25.06 9.42
C VAL C 214 -0.31 -25.00 9.89
N ASP C 215 0.17 -26.11 10.44
CA ASP C 215 1.56 -26.23 10.90
C ASP C 215 1.93 -25.06 11.80
N LYS C 216 1.04 -24.74 12.74
CA LYS C 216 1.20 -23.70 13.74
C LYS C 216 1.05 -22.29 13.18
N VAL C 217 0.91 -22.13 11.87
CA VAL C 217 0.75 -20.80 11.28
C VAL C 217 -0.72 -20.41 11.35
N ASN C 218 -0.97 -19.12 11.56
CA ASN C 218 -2.31 -18.60 11.75
C ASN C 218 -2.75 -17.90 10.47
N PHE C 219 -3.59 -18.57 9.68
CA PHE C 219 -4.15 -17.97 8.48
C PHE C 219 -5.53 -17.39 8.79
N HIS C 220 -5.72 -16.13 8.41
CA HIS C 220 -7.07 -15.58 8.30
C HIS C 220 -7.66 -16.08 6.98
N MET C 221 -8.91 -15.73 6.72
CA MET C 221 -9.53 -16.01 5.43
C MET C 221 -10.86 -15.29 5.39
N PHE C 222 -11.15 -14.58 4.30
CA PHE C 222 -12.21 -13.57 4.36
C PHE C 222 -13.14 -13.79 3.17
N ASP C 223 -14.16 -14.63 3.38
CA ASP C 223 -15.12 -14.91 2.31
C ASP C 223 -16.01 -13.70 2.15
N VAL C 224 -15.60 -12.80 1.25
CA VAL C 224 -16.33 -11.57 1.03
C VAL C 224 -17.67 -11.91 0.40
N GLY C 225 -18.73 -11.81 1.18
CA GLY C 225 -20.06 -12.14 0.71
C GLY C 225 -21.07 -11.12 1.21
N ALA C 226 -22.15 -10.99 0.46
CA ALA C 226 -23.18 -9.97 0.59
C ALA C 226 -22.72 -8.64 0.01
N GLN C 227 -21.46 -8.50 -0.37
CA GLN C 227 -21.00 -7.33 -1.10
C GLN C 227 -21.54 -7.39 -2.52
N ARG C 228 -21.97 -6.24 -3.04
CA ARG C 228 -22.51 -6.21 -4.39
C ARG C 228 -21.45 -6.66 -5.39
N ASP C 229 -21.91 -6.94 -6.61
CA ASP C 229 -21.01 -7.37 -7.69
C ASP C 229 -20.42 -6.13 -8.39
N GLU C 230 -19.86 -5.25 -7.58
CA GLU C 230 -19.20 -4.04 -8.08
C GLU C 230 -17.96 -3.84 -7.21
N ARG C 231 -16.84 -4.40 -7.66
CA ARG C 231 -15.68 -4.64 -6.80
C ARG C 231 -14.62 -3.55 -6.87
N ARG C 232 -14.80 -2.52 -7.70
CA ARG C 232 -13.68 -1.60 -7.92
C ARG C 232 -13.28 -0.86 -6.65
N LYS C 233 -14.12 -0.84 -5.62
CA LYS C 233 -13.85 -0.06 -4.42
C LYS C 233 -13.43 -0.89 -3.21
N TRP C 234 -14.05 -2.04 -2.97
CA TRP C 234 -13.68 -2.88 -1.84
C TRP C 234 -12.64 -3.93 -2.18
N ILE C 235 -12.19 -4.01 -3.43
CA ILE C 235 -11.11 -4.89 -3.80
C ILE C 235 -9.79 -4.15 -3.63
N GLN C 236 -9.87 -2.86 -3.32
CA GLN C 236 -8.68 -2.08 -3.01
C GLN C 236 -8.26 -2.20 -1.55
N CYS C 237 -9.15 -2.68 -0.68
CA CYS C 237 -8.85 -2.83 0.73
C CYS C 237 -8.10 -4.12 1.03
N PHE C 238 -8.05 -5.06 0.09
CA PHE C 238 -7.38 -6.35 0.28
C PHE C 238 -6.03 -6.37 -0.41
N ASN C 239 -5.33 -5.24 -0.46
CA ASN C 239 -4.00 -5.21 -1.08
C ASN C 239 -2.90 -5.64 -0.12
N ASP C 240 -3.19 -5.73 1.18
CA ASP C 240 -2.22 -6.17 2.17
C ASP C 240 -2.25 -7.67 2.41
N VAL C 241 -3.20 -8.39 1.81
CA VAL C 241 -3.26 -9.83 1.99
C VAL C 241 -2.10 -10.49 1.24
N THR C 242 -1.70 -11.67 1.71
CA THR C 242 -0.63 -12.42 1.08
C THR C 242 -1.07 -13.14 -0.18
N ALA C 243 -2.37 -13.36 -0.35
CA ALA C 243 -2.87 -14.06 -1.53
C ALA C 243 -4.35 -13.73 -1.70
N ILE C 244 -4.85 -13.98 -2.91
CA ILE C 244 -6.25 -13.78 -3.24
C ILE C 244 -6.73 -15.09 -3.83
N ILE C 245 -7.29 -15.96 -2.99
CA ILE C 245 -7.76 -17.25 -3.46
C ILE C 245 -8.91 -17.00 -4.42
N PHE C 246 -8.68 -17.30 -5.70
CA PHE C 246 -9.64 -17.02 -6.76
C PHE C 246 -10.20 -18.36 -7.23
N VAL C 247 -11.48 -18.59 -6.96
CA VAL C 247 -12.15 -19.84 -7.31
C VAL C 247 -12.89 -19.64 -8.62
N VAL C 248 -12.80 -20.63 -9.51
CA VAL C 248 -13.40 -20.56 -10.84
C VAL C 248 -14.15 -21.86 -11.10
N ALA C 249 -15.13 -21.78 -12.02
CA ALA C 249 -15.86 -22.96 -12.46
C ALA C 249 -15.36 -23.35 -13.84
N SER C 250 -14.29 -24.15 -13.85
CA SER C 250 -13.64 -24.53 -15.11
C SER C 250 -14.51 -25.38 -16.01
N SER C 251 -15.60 -25.96 -15.50
CA SER C 251 -16.54 -26.70 -16.32
C SER C 251 -17.67 -25.83 -16.84
N SER C 252 -17.68 -24.53 -16.51
CA SER C 252 -18.74 -23.63 -16.90
C SER C 252 -18.45 -22.92 -18.21
N TYR C 253 -17.39 -23.32 -18.92
CA TYR C 253 -17.02 -22.68 -20.17
C TYR C 253 -18.21 -22.57 -21.12
N ASN C 254 -18.84 -23.69 -21.46
CA ASN C 254 -19.92 -23.70 -22.44
C ASN C 254 -21.31 -23.65 -21.80
N MET C 255 -21.38 -23.44 -20.48
CA MET C 255 -22.66 -23.33 -19.80
C MET C 255 -23.13 -21.88 -19.78
N THR C 263 -25.19 -17.70 -19.01
CA THR C 263 -24.12 -16.86 -19.54
C THR C 263 -22.77 -17.58 -19.46
N ASN C 264 -21.70 -16.81 -19.54
CA ASN C 264 -20.35 -17.36 -19.45
C ASN C 264 -19.80 -17.10 -18.06
N ARG C 265 -19.48 -18.18 -17.34
CA ARG C 265 -18.79 -18.05 -16.06
C ARG C 265 -17.29 -18.26 -16.18
N LEU C 266 -16.77 -18.31 -17.41
CA LEU C 266 -15.35 -18.49 -17.64
C LEU C 266 -14.70 -17.31 -18.37
N GLN C 267 -15.46 -16.30 -18.78
CA GLN C 267 -14.89 -15.05 -19.26
C GLN C 267 -15.41 -13.86 -18.47
N GLU C 268 -16.33 -14.07 -17.55
CA GLU C 268 -16.57 -13.12 -16.47
C GLU C 268 -15.71 -13.41 -15.27
N ALA C 269 -15.00 -14.54 -15.27
CA ALA C 269 -13.98 -14.85 -14.27
C ALA C 269 -12.58 -14.84 -14.83
N LEU C 270 -12.41 -15.06 -16.14
CA LEU C 270 -11.11 -14.91 -16.78
C LEU C 270 -10.75 -13.45 -17.01
N LYS C 271 -11.73 -12.56 -17.17
CA LYS C 271 -11.50 -11.13 -17.24
C LYS C 271 -11.41 -10.49 -15.86
N LEU C 272 -12.08 -11.05 -14.86
CA LEU C 272 -11.90 -10.57 -13.50
C LEU C 272 -10.47 -10.77 -13.04
N PHE C 273 -9.86 -11.90 -13.40
CA PHE C 273 -8.46 -12.11 -13.10
C PHE C 273 -7.59 -11.06 -13.77
N ASP C 274 -7.89 -10.73 -15.03
CA ASP C 274 -7.13 -9.69 -15.72
C ASP C 274 -7.26 -8.36 -14.99
N SER C 275 -8.48 -8.01 -14.59
CA SER C 275 -8.70 -6.74 -13.91
C SER C 275 -7.94 -6.69 -12.59
N ILE C 276 -7.97 -7.77 -11.82
CA ILE C 276 -7.23 -7.82 -10.57
C ILE C 276 -5.73 -7.71 -10.84
N TRP C 277 -5.25 -8.41 -11.86
CA TRP C 277 -3.84 -8.44 -12.17
C TRP C 277 -3.29 -7.05 -12.42
N ASN C 278 -4.00 -6.24 -13.20
CA ASN C 278 -3.51 -4.96 -13.68
C ASN C 278 -3.88 -3.79 -12.78
N ASN C 279 -4.57 -4.05 -11.66
CA ASN C 279 -4.93 -2.96 -10.77
C ASN C 279 -3.69 -2.37 -10.11
N LYS C 280 -3.69 -1.05 -9.95
CA LYS C 280 -2.51 -0.36 -9.45
C LYS C 280 -2.25 -0.60 -7.98
N TRP C 281 -3.27 -1.01 -7.21
CA TRP C 281 -3.10 -1.36 -5.82
C TRP C 281 -2.88 -2.86 -5.60
N LEU C 282 -3.25 -3.69 -6.58
CA LEU C 282 -3.08 -5.13 -6.48
C LEU C 282 -1.99 -5.64 -7.41
N ARG C 283 -1.08 -4.76 -7.83
CA ARG C 283 0.10 -5.21 -8.54
C ARG C 283 1.02 -6.04 -7.65
N ASP C 284 0.82 -5.99 -6.34
CA ASP C 284 1.69 -6.65 -5.38
C ASP C 284 1.07 -7.91 -4.80
N THR C 285 -0.22 -8.13 -4.97
CA THR C 285 -0.94 -9.22 -4.32
C THR C 285 -1.02 -10.40 -5.29
N SER C 286 -0.42 -11.53 -4.88
CA SER C 286 -0.44 -12.73 -5.70
C SER C 286 -1.84 -13.32 -5.73
N VAL C 287 -2.04 -14.30 -6.59
CA VAL C 287 -3.35 -14.92 -6.76
C VAL C 287 -3.21 -16.44 -6.82
N ILE C 288 -3.74 -17.13 -5.83
CA ILE C 288 -3.87 -18.58 -5.86
C ILE C 288 -5.19 -18.89 -6.53
N LEU C 289 -5.16 -19.77 -7.53
CA LEU C 289 -6.21 -19.88 -8.53
C LEU C 289 -6.73 -21.32 -8.56
N PHE C 290 -7.82 -21.56 -7.83
CA PHE C 290 -8.47 -22.86 -7.87
C PHE C 290 -9.47 -22.90 -9.03
N LEU C 291 -9.59 -24.07 -9.64
CA LEU C 291 -10.45 -24.25 -10.82
C LEU C 291 -11.39 -25.41 -10.51
N ASN C 292 -12.50 -25.10 -9.84
CA ASN C 292 -13.43 -26.11 -9.39
C ASN C 292 -14.13 -26.77 -10.58
N LYS C 293 -14.73 -27.93 -10.31
CA LYS C 293 -15.54 -28.66 -11.29
C LYS C 293 -14.71 -29.20 -12.44
N GLN C 294 -13.40 -29.41 -12.25
CA GLN C 294 -12.60 -30.02 -13.29
C GLN C 294 -13.17 -31.38 -13.67
N ASP C 295 -13.75 -32.09 -12.70
CA ASP C 295 -14.39 -33.37 -13.00
C ASP C 295 -15.52 -33.18 -14.00
N LEU C 296 -16.36 -32.16 -13.78
CA LEU C 296 -17.45 -31.89 -14.71
C LEU C 296 -16.91 -31.53 -16.08
N LEU C 297 -15.85 -30.72 -16.14
CA LEU C 297 -15.25 -30.33 -17.41
C LEU C 297 -14.78 -31.56 -18.19
N ALA C 298 -14.02 -32.43 -17.52
CA ALA C 298 -13.49 -33.62 -18.18
C ALA C 298 -14.62 -34.56 -18.59
N GLU C 299 -15.63 -34.71 -17.74
CA GLU C 299 -16.78 -35.55 -18.05
C GLU C 299 -17.49 -35.06 -19.29
N LYS C 300 -17.71 -33.74 -19.38
CA LYS C 300 -18.36 -33.17 -20.55
C LYS C 300 -17.52 -33.39 -21.80
N VAL C 301 -16.20 -33.20 -21.68
CA VAL C 301 -15.34 -33.38 -22.85
C VAL C 301 -15.38 -34.82 -23.34
N LEU C 302 -15.31 -35.78 -22.40
CA LEU C 302 -15.38 -37.18 -22.79
C LEU C 302 -16.74 -37.55 -23.36
N ALA C 303 -17.80 -36.87 -22.90
CA ALA C 303 -19.15 -37.17 -23.35
C ALA C 303 -19.51 -36.49 -24.66
N GLY C 304 -18.60 -35.72 -25.25
CA GLY C 304 -18.87 -35.01 -26.47
C GLY C 304 -19.59 -33.69 -26.30
N LYS C 305 -19.87 -33.28 -25.06
CA LYS C 305 -20.55 -32.01 -24.80
C LYS C 305 -19.64 -30.81 -24.99
N SER C 306 -18.34 -31.04 -25.19
CA SER C 306 -17.38 -29.94 -25.24
C SER C 306 -17.43 -29.26 -26.60
N LYS C 307 -18.08 -28.09 -26.65
CA LYS C 307 -18.03 -27.21 -27.81
C LYS C 307 -16.98 -26.12 -27.62
N ILE C 308 -15.90 -26.45 -26.91
CA ILE C 308 -14.84 -25.50 -26.62
C ILE C 308 -14.00 -25.29 -27.89
N GLU C 309 -14.34 -26.00 -28.96
CA GLU C 309 -13.74 -25.79 -30.26
C GLU C 309 -14.47 -24.74 -31.09
N ASP C 310 -15.68 -24.36 -30.69
CA ASP C 310 -16.42 -23.30 -31.37
C ASP C 310 -16.73 -22.17 -30.39
N TYR C 311 -16.90 -22.51 -29.12
CA TYR C 311 -17.19 -21.51 -28.11
C TYR C 311 -15.94 -20.76 -27.67
N PHE C 312 -14.81 -21.46 -27.57
CA PHE C 312 -13.47 -20.86 -27.49
C PHE C 312 -12.70 -21.28 -28.73
N PRO C 313 -13.10 -20.79 -29.90
CA PRO C 313 -12.60 -21.37 -31.15
C PRO C 313 -11.08 -21.33 -31.30
N GLU C 314 -10.37 -20.70 -30.38
CA GLU C 314 -8.91 -20.76 -30.36
C GLU C 314 -8.46 -22.04 -29.66
N PHE C 315 -9.03 -23.15 -30.12
CA PHE C 315 -8.84 -24.45 -29.49
C PHE C 315 -8.35 -25.49 -30.50
N ALA C 316 -8.08 -25.08 -31.74
CA ALA C 316 -7.56 -25.95 -32.78
C ALA C 316 -6.04 -26.06 -32.73
N ARG C 317 -5.34 -24.93 -32.61
CA ARG C 317 -3.89 -24.93 -32.49
C ARG C 317 -3.43 -25.52 -31.16
N TYR C 318 -4.34 -25.74 -30.22
CA TYR C 318 -3.98 -26.21 -28.89
C TYR C 318 -3.70 -27.71 -28.90
N THR C 319 -2.69 -28.11 -28.13
CA THR C 319 -2.39 -29.51 -27.90
C THR C 319 -2.00 -29.66 -26.43
N THR C 320 -2.25 -30.84 -25.87
CA THR C 320 -1.84 -31.10 -24.49
C THR C 320 -0.33 -30.90 -24.37
N PRO C 321 0.13 -30.05 -23.44
CA PRO C 321 1.58 -29.85 -23.31
C PRO C 321 2.32 -31.17 -23.14
N GLU C 322 3.32 -31.42 -24.00
CA GLU C 322 4.05 -32.68 -23.91
C GLU C 322 4.72 -32.86 -22.56
N ASP C 323 4.97 -31.78 -21.83
CA ASP C 323 5.41 -31.86 -20.44
C ASP C 323 4.21 -31.86 -19.50
N ALA C 324 3.26 -32.75 -19.77
CA ALA C 324 2.03 -32.81 -19.00
C ALA C 324 2.20 -33.72 -17.77
N THR C 325 1.29 -33.55 -16.82
CA THR C 325 1.21 -34.41 -15.64
C THR C 325 -0.24 -34.85 -15.45
N PRO C 326 -0.75 -35.68 -16.37
CA PRO C 326 -2.17 -36.05 -16.29
C PRO C 326 -2.41 -37.22 -15.36
N GLU C 327 -3.25 -37.01 -14.33
CA GLU C 327 -3.58 -38.06 -13.40
C GLU C 327 -4.46 -39.11 -14.08
N PRO C 328 -4.46 -40.35 -13.58
CA PRO C 328 -5.13 -41.44 -14.31
C PRO C 328 -6.61 -41.15 -14.51
N GLY C 329 -7.13 -41.60 -15.66
CA GLY C 329 -8.50 -41.41 -16.03
C GLY C 329 -8.74 -40.23 -16.95
N GLU C 330 -7.76 -39.35 -17.10
CA GLU C 330 -7.86 -38.18 -17.95
C GLU C 330 -6.99 -38.43 -19.18
N ASP C 331 -7.60 -38.97 -20.24
CA ASP C 331 -6.87 -39.28 -21.47
C ASP C 331 -6.27 -37.99 -22.03
N PRO C 332 -5.37 -38.08 -23.01
CA PRO C 332 -4.75 -36.84 -23.52
C PRO C 332 -5.77 -35.83 -24.03
N ARG C 333 -6.86 -36.29 -24.64
CA ARG C 333 -7.86 -35.40 -25.20
C ARG C 333 -8.77 -34.77 -24.15
N VAL C 334 -9.14 -35.49 -23.10
CA VAL C 334 -10.02 -34.90 -22.09
C VAL C 334 -9.29 -33.86 -21.26
N THR C 335 -8.02 -34.11 -20.93
CA THR C 335 -7.24 -33.12 -20.20
C THR C 335 -7.01 -31.87 -21.04
N ARG C 336 -7.28 -31.92 -22.34
CA ARG C 336 -7.16 -30.75 -23.18
C ARG C 336 -7.95 -29.59 -22.60
N ALA C 337 -9.07 -29.86 -21.95
CA ALA C 337 -9.87 -28.79 -21.37
C ALA C 337 -9.18 -28.23 -20.12
N LYS C 338 -8.94 -29.08 -19.12
CA LYS C 338 -8.35 -28.60 -17.87
C LYS C 338 -7.04 -27.87 -18.11
N TYR C 339 -6.24 -28.31 -19.08
CA TYR C 339 -5.04 -27.56 -19.44
C TYR C 339 -5.33 -26.37 -20.33
N PHE C 340 -6.43 -26.40 -21.08
CA PHE C 340 -6.81 -25.23 -21.86
C PHE C 340 -7.16 -24.07 -20.95
N ILE C 341 -7.90 -24.32 -19.87
CA ILE C 341 -8.03 -23.30 -18.85
C ILE C 341 -6.90 -23.51 -17.86
N ARG C 342 -5.68 -23.35 -18.35
CA ARG C 342 -4.51 -23.01 -17.55
C ARG C 342 -3.58 -22.09 -18.31
N ASP C 343 -3.60 -22.13 -19.64
CA ASP C 343 -2.82 -21.23 -20.48
C ASP C 343 -3.53 -19.92 -20.75
N GLU C 344 -4.80 -19.79 -20.37
CA GLU C 344 -5.49 -18.51 -20.49
C GLU C 344 -5.14 -17.59 -19.33
N PHE C 345 -5.33 -18.07 -18.10
CA PHE C 345 -4.89 -17.29 -16.95
C PHE C 345 -3.38 -17.09 -16.97
N LEU C 346 -2.64 -18.13 -17.36
CA LEU C 346 -1.20 -17.98 -17.51
C LEU C 346 -0.85 -17.03 -18.65
N ARG C 347 -1.67 -16.98 -19.70
CA ARG C 347 -1.44 -16.00 -20.76
C ARG C 347 -1.61 -14.59 -20.23
N ILE C 348 -2.64 -14.35 -19.43
CA ILE C 348 -2.83 -13.04 -18.83
C ILE C 348 -1.63 -12.68 -17.95
N SER C 349 -1.21 -13.63 -17.11
CA SER C 349 -0.10 -13.38 -16.20
C SER C 349 1.18 -13.08 -16.97
N THR C 350 1.47 -13.86 -18.01
CA THR C 350 2.64 -13.62 -18.84
C THR C 350 2.56 -12.27 -19.52
N ALA C 351 1.37 -11.93 -20.03
CA ALA C 351 1.19 -10.69 -20.76
C ALA C 351 1.50 -9.49 -19.87
N SER C 352 0.72 -9.30 -18.81
CA SER C 352 0.89 -8.05 -18.06
C SER C 352 2.30 -7.95 -17.47
N GLY C 353 2.56 -8.75 -16.44
CA GLY C 353 3.92 -8.96 -15.97
C GLY C 353 4.48 -7.79 -15.19
N ASP C 354 4.95 -8.02 -13.97
CA ASP C 354 5.88 -7.10 -13.33
C ASP C 354 6.96 -7.79 -12.51
N GLY C 355 6.82 -9.08 -12.19
CA GLY C 355 7.71 -9.75 -11.28
C GLY C 355 7.37 -9.59 -9.81
N ARG C 356 6.43 -8.69 -9.49
CA ARG C 356 6.11 -8.42 -8.10
C ARG C 356 5.03 -9.37 -7.57
N HIS C 357 4.16 -9.86 -8.44
CA HIS C 357 3.06 -10.74 -8.05
C HIS C 357 3.00 -11.92 -9.01
N TYR C 358 2.50 -13.04 -8.50
CA TYR C 358 2.55 -14.31 -9.21
C TYR C 358 1.22 -15.04 -9.06
N CYS C 359 0.93 -15.89 -10.04
CA CYS C 359 -0.31 -16.67 -10.08
C CYS C 359 0.02 -18.14 -9.91
N TYR C 360 -0.75 -18.83 -9.06
CA TYR C 360 -0.53 -20.24 -8.77
C TYR C 360 -1.77 -21.06 -9.12
N PRO C 361 -1.79 -21.75 -10.26
CA PRO C 361 -3.00 -22.50 -10.64
C PRO C 361 -3.07 -23.89 -10.01
N HIS C 362 -4.28 -24.24 -9.55
CA HIS C 362 -4.52 -25.47 -8.80
C HIS C 362 -5.77 -26.18 -9.29
N PHE C 363 -5.87 -26.42 -10.60
CA PHE C 363 -7.06 -27.12 -11.08
C PHE C 363 -7.24 -28.42 -10.30
N THR C 364 -8.29 -28.48 -9.48
CA THR C 364 -8.64 -29.66 -8.70
C THR C 364 -10.15 -29.81 -8.69
N CYS C 365 -10.62 -30.89 -8.09
CA CYS C 365 -12.05 -31.18 -8.01
C CYS C 365 -12.68 -30.31 -6.92
N SER C 366 -13.95 -30.56 -6.61
CA SER C 366 -14.68 -29.78 -5.62
C SER C 366 -14.46 -30.25 -4.20
N VAL C 367 -13.75 -31.35 -3.99
CA VAL C 367 -13.51 -31.86 -2.64
C VAL C 367 -12.18 -32.60 -2.60
N ASP C 368 -11.30 -32.19 -1.68
CA ASP C 368 -9.99 -32.79 -1.48
C ASP C 368 -9.43 -32.26 -0.17
N THR C 369 -8.62 -33.09 0.49
CA THR C 369 -7.85 -32.64 1.64
C THR C 369 -6.55 -31.95 1.23
N GLU C 370 -6.13 -32.09 -0.02
CA GLU C 370 -5.00 -31.33 -0.55
C GLU C 370 -5.45 -29.95 -1.01
N ASN C 371 -6.11 -29.21 -0.11
CA ASN C 371 -6.66 -27.91 -0.45
C ASN C 371 -6.33 -26.85 0.58
N ILE C 372 -5.92 -27.24 1.80
CA ILE C 372 -5.29 -26.32 2.73
C ILE C 372 -3.78 -26.45 2.55
N ARG C 373 -3.33 -27.63 2.15
CA ARG C 373 -1.93 -27.88 1.89
C ARG C 373 -1.44 -27.22 0.62
N ARG C 374 -2.34 -26.75 -0.24
CA ARG C 374 -1.97 -25.93 -1.40
C ARG C 374 -1.91 -24.46 -1.06
N VAL C 375 -2.90 -23.96 -0.32
CA VAL C 375 -2.86 -22.57 0.14
C VAL C 375 -1.64 -22.34 1.03
N PHE C 376 -1.33 -23.31 1.90
CA PHE C 376 -0.13 -23.18 2.73
C PHE C 376 1.13 -23.22 1.88
N ASN C 377 1.24 -24.23 1.01
CA ASN C 377 2.46 -24.38 0.21
C ASN C 377 2.67 -23.22 -0.76
N ASP C 378 1.64 -22.44 -1.08
CA ASP C 378 1.83 -21.27 -1.92
C ASP C 378 1.92 -19.96 -1.15
N CYS C 379 1.30 -19.86 0.03
CA CYS C 379 1.62 -18.74 0.91
C CYS C 379 3.03 -18.83 1.45
N ARG C 380 3.64 -20.01 1.40
CA ARG C 380 5.06 -20.12 1.70
C ARG C 380 5.90 -19.56 0.55
N ASP C 381 5.56 -19.90 -0.69
CA ASP C 381 6.36 -19.45 -1.83
C ASP C 381 6.16 -17.97 -2.13
N ILE C 382 4.95 -17.46 -1.96
CA ILE C 382 4.73 -16.02 -2.11
C ILE C 382 5.64 -15.27 -1.15
N ILE C 383 5.72 -15.72 0.09
CA ILE C 383 6.55 -15.04 1.08
C ILE C 383 8.03 -15.22 0.79
N GLN C 384 8.45 -16.42 0.40
CA GLN C 384 9.85 -16.58 0.01
C GLN C 384 10.21 -15.59 -1.08
N ARG C 385 9.39 -15.49 -2.13
CA ARG C 385 9.75 -14.63 -3.23
C ARG C 385 9.70 -13.15 -2.83
N MET C 386 8.72 -12.78 -2.00
CA MET C 386 8.67 -11.41 -1.52
C MET C 386 9.89 -11.06 -0.68
N HIS C 387 10.44 -12.03 0.06
CA HIS C 387 11.63 -11.81 0.86
C HIS C 387 12.91 -11.82 0.02
N LEU C 388 13.00 -12.71 -0.97
CA LEU C 388 14.12 -12.74 -1.90
C LEU C 388 14.13 -11.52 -2.81
N ARG C 389 13.03 -10.79 -2.93
CA ARG C 389 13.00 -9.60 -3.75
C ARG C 389 13.32 -8.31 -2.99
N GLN C 390 12.93 -8.21 -1.73
CA GLN C 390 13.20 -7.01 -0.95
C GLN C 390 14.63 -6.95 -0.45
N TYR C 391 15.39 -8.04 -0.56
CA TYR C 391 16.82 -8.04 -0.29
C TYR C 391 17.65 -7.86 -1.55
N GLU C 392 17.02 -7.51 -2.66
CA GLU C 392 17.70 -7.43 -3.95
C GLU C 392 18.45 -8.72 -4.22
N LEU C 393 17.85 -9.83 -3.81
CA LEU C 393 18.49 -11.13 -3.90
C LEU C 393 17.94 -11.95 -5.06
N LEU C 394 16.72 -11.68 -5.50
CA LEU C 394 16.17 -12.27 -6.71
C LEU C 394 14.73 -11.84 -6.92
N THR D 6 -42.50 -4.71 -15.21
CA THR D 6 -41.19 -4.67 -14.57
C THR D 6 -41.05 -3.43 -13.70
N ALA D 7 -40.10 -3.48 -12.76
CA ALA D 7 -39.83 -2.35 -11.89
C ALA D 7 -39.12 -1.21 -12.62
N SER D 8 -38.67 -1.44 -13.85
CA SER D 8 -38.01 -0.38 -14.61
C SER D 8 -38.94 0.80 -14.85
N ILE D 9 -40.22 0.53 -15.10
CA ILE D 9 -41.17 1.62 -15.31
C ILE D 9 -41.32 2.45 -14.04
N ALA D 10 -41.37 1.78 -12.88
CA ALA D 10 -41.44 2.52 -11.62
C ALA D 10 -40.18 3.33 -11.39
N GLN D 11 -39.02 2.77 -11.72
CA GLN D 11 -37.76 3.50 -11.59
C GLN D 11 -37.78 4.75 -12.47
N ALA D 12 -38.24 4.60 -13.71
CA ALA D 12 -38.32 5.75 -14.61
C ALA D 12 -39.29 6.80 -14.09
N ARG D 13 -40.43 6.36 -13.55
CA ARG D 13 -41.40 7.30 -13.00
C ARG D 13 -40.81 8.08 -11.84
N LYS D 14 -40.14 7.39 -10.92
CA LYS D 14 -39.55 8.09 -9.78
C LYS D 14 -38.45 9.03 -10.25
N LEU D 15 -37.66 8.63 -11.24
CA LEU D 15 -36.61 9.50 -11.75
C LEU D 15 -37.20 10.75 -12.38
N VAL D 16 -38.28 10.61 -13.15
CA VAL D 16 -38.93 11.77 -13.75
C VAL D 16 -39.48 12.68 -12.66
N GLU D 17 -40.12 12.10 -11.65
CA GLU D 17 -40.65 12.90 -10.55
C GLU D 17 -39.54 13.66 -9.85
N GLN D 18 -38.39 13.02 -9.63
CA GLN D 18 -37.30 13.66 -8.91
C GLN D 18 -36.65 14.76 -9.76
N LEU D 19 -36.56 14.54 -11.07
CA LEU D 19 -36.09 15.61 -11.95
C LEU D 19 -37.05 16.79 -11.90
N LYS D 20 -38.36 16.52 -11.88
CA LYS D 20 -39.33 17.59 -11.74
C LYS D 20 -39.15 18.33 -10.41
N MET D 21 -38.85 17.59 -9.35
CA MET D 21 -38.64 18.21 -8.04
C MET D 21 -37.37 19.03 -7.98
N GLU D 22 -36.32 18.62 -8.70
CA GLU D 22 -35.07 19.37 -8.69
C GLU D 22 -35.09 20.55 -9.64
N ALA D 23 -35.90 20.48 -10.70
CA ALA D 23 -35.93 21.54 -11.70
C ALA D 23 -36.75 22.75 -11.27
N ASN D 24 -37.56 22.62 -10.22
CA ASN D 24 -38.47 23.68 -9.79
C ASN D 24 -37.98 24.40 -8.53
N ILE D 25 -36.68 24.54 -8.34
CA ILE D 25 -36.12 25.26 -7.21
C ILE D 25 -35.64 26.61 -7.70
N ASP D 26 -35.34 27.50 -6.75
CA ASP D 26 -34.88 28.84 -7.04
C ASP D 26 -33.36 28.88 -7.02
N ARG D 27 -32.79 29.57 -8.01
CA ARG D 27 -31.35 29.68 -8.16
C ARG D 27 -30.94 31.14 -8.17
N ILE D 28 -29.67 31.38 -7.83
CA ILE D 28 -29.11 32.72 -7.83
C ILE D 28 -27.89 32.73 -8.74
N LYS D 29 -27.58 33.93 -9.26
CA LYS D 29 -26.49 34.05 -10.21
C LYS D 29 -25.19 33.60 -9.58
N VAL D 30 -24.35 32.90 -10.37
CA VAL D 30 -23.08 32.41 -9.84
C VAL D 30 -22.25 33.56 -9.31
N SER D 31 -22.47 34.78 -9.82
CA SER D 31 -21.79 35.94 -9.26
C SER D 31 -22.18 36.14 -7.81
N LYS D 32 -23.46 35.98 -7.48
CA LYS D 32 -23.92 36.18 -6.10
C LYS D 32 -23.32 35.13 -5.17
N ALA D 33 -23.32 33.86 -5.59
CA ALA D 33 -22.74 32.81 -4.76
C ALA D 33 -21.25 33.01 -4.58
N ALA D 34 -20.54 33.37 -5.65
CA ALA D 34 -19.12 33.65 -5.54
C ALA D 34 -18.87 34.82 -4.60
N ALA D 35 -19.70 35.86 -4.67
CA ALA D 35 -19.53 36.99 -3.77
C ALA D 35 -19.77 36.59 -2.32
N ASP D 36 -20.75 35.72 -2.08
CA ASP D 36 -21.00 35.27 -0.71
C ASP D 36 -19.83 34.47 -0.17
N LEU D 37 -19.28 33.55 -0.96
CA LEU D 37 -18.11 32.79 -0.52
C LEU D 37 -16.93 33.73 -0.28
N MET D 38 -16.74 34.69 -1.19
CA MET D 38 -15.67 35.68 -1.05
C MET D 38 -15.80 36.46 0.26
N ALA D 39 -17.01 36.93 0.55
CA ALA D 39 -17.24 37.69 1.77
C ALA D 39 -17.00 36.83 3.00
N TYR D 40 -17.44 35.58 2.98
CA TYR D 40 -17.20 34.71 4.12
C TYR D 40 -15.71 34.51 4.37
N CYS D 41 -14.97 34.21 3.31
CA CYS D 41 -13.53 34.00 3.48
C CYS D 41 -12.85 35.28 3.96
N GLU D 42 -13.22 36.43 3.40
CA GLU D 42 -12.62 37.69 3.83
C GLU D 42 -12.93 37.98 5.29
N ALA D 43 -14.16 37.72 5.73
CA ALA D 43 -14.54 38.02 7.10
C ALA D 43 -13.90 37.07 8.11
N HIS D 44 -13.71 35.80 7.75
CA HIS D 44 -13.17 34.82 8.68
C HIS D 44 -11.69 34.53 8.47
N ALA D 45 -11.01 35.26 7.58
CA ALA D 45 -9.58 35.05 7.41
C ALA D 45 -8.81 35.34 8.69
N LYS D 46 -9.27 36.30 9.49
CA LYS D 46 -8.58 36.65 10.72
C LYS D 46 -8.68 35.57 11.79
N GLU D 47 -9.56 34.58 11.62
CA GLU D 47 -9.75 33.53 12.61
C GLU D 47 -9.35 32.16 12.08
N ASP D 48 -8.48 32.09 11.08
CA ASP D 48 -8.05 30.82 10.51
C ASP D 48 -6.57 30.63 10.80
N PRO D 49 -6.19 29.85 11.82
CA PRO D 49 -4.77 29.69 12.15
C PRO D 49 -3.92 29.20 10.98
N LEU D 50 -4.45 28.29 10.17
CA LEU D 50 -3.71 27.77 9.04
C LEU D 50 -3.43 28.87 8.02
N LEU D 51 -4.43 29.69 7.72
CA LEU D 51 -4.25 30.78 6.76
C LEU D 51 -3.27 31.82 7.30
N THR D 52 -3.50 32.28 8.53
CA THR D 52 -2.67 33.29 9.18
C THR D 52 -2.00 32.66 10.39
N PRO D 53 -0.77 32.18 10.26
CA PRO D 53 -0.14 31.46 11.38
C PRO D 53 -0.11 32.31 12.64
N VAL D 54 -0.34 31.65 13.77
CA VAL D 54 -0.38 32.33 15.06
C VAL D 54 0.97 32.11 15.77
N PRO D 55 1.31 32.93 16.76
CA PRO D 55 2.60 32.76 17.44
C PRO D 55 2.73 31.39 18.06
N ALA D 56 3.97 30.90 18.11
CA ALA D 56 4.23 29.58 18.68
C ALA D 56 3.87 29.49 20.15
N SER D 57 3.69 30.63 20.83
CA SER D 57 3.25 30.64 22.22
C SER D 57 1.80 30.19 22.37
N GLU D 58 0.93 30.65 21.47
CA GLU D 58 -0.48 30.29 21.51
C GLU D 58 -0.81 29.05 20.70
N ASN D 59 0.18 28.44 20.05
CA ASN D 59 -0.04 27.24 19.24
C ASN D 59 0.05 26.02 20.15
N PRO D 60 -1.07 25.41 20.56
CA PRO D 60 -1.00 24.34 21.57
C PRO D 60 -0.22 23.12 21.11
N PHE D 61 0.02 22.95 19.82
CA PHE D 61 0.73 21.78 19.33
C PHE D 61 2.24 21.93 19.35
N ARG D 62 2.75 23.04 19.86
CA ARG D 62 4.18 23.22 20.07
C ARG D 62 4.55 22.83 21.50
N GLN E 1 -21.86 15.60 -17.26
CA GLN E 1 -22.58 14.33 -16.95
C GLN E 1 -22.19 13.24 -17.94
N VAL E 2 -21.66 12.13 -17.44
CA VAL E 2 -21.28 11.03 -18.31
C VAL E 2 -22.51 10.52 -19.04
N GLN E 3 -22.39 10.40 -20.36
CA GLN E 3 -23.55 10.09 -21.19
C GLN E 3 -23.07 9.35 -22.43
N LEU E 4 -23.43 8.07 -22.54
CA LEU E 4 -23.06 7.23 -23.66
C LEU E 4 -24.33 6.84 -24.41
N GLN E 5 -24.36 7.11 -25.72
CA GLN E 5 -25.53 6.85 -26.54
C GLN E 5 -25.15 5.94 -27.70
N GLU E 6 -25.86 4.84 -27.86
CA GLU E 6 -25.58 3.87 -28.91
C GLU E 6 -26.54 4.04 -30.08
N SER E 7 -26.04 3.69 -31.26
CA SER E 7 -26.84 3.76 -32.48
C SER E 7 -26.42 2.61 -33.38
N GLY E 8 -27.35 2.20 -34.25
CA GLY E 8 -27.16 1.02 -35.07
C GLY E 8 -27.81 -0.19 -34.43
N GLY E 9 -28.61 -0.92 -35.18
CA GLY E 9 -29.29 -2.08 -34.64
C GLY E 9 -30.46 -2.47 -35.51
N GLY E 10 -31.24 -3.43 -35.01
CA GLY E 10 -32.42 -3.89 -35.69
C GLY E 10 -32.19 -5.20 -36.43
N LEU E 11 -33.23 -5.60 -37.17
CA LEU E 11 -33.21 -6.89 -37.85
C LEU E 11 -32.06 -6.97 -38.84
N VAL E 12 -31.36 -8.10 -38.82
CA VAL E 12 -30.30 -8.39 -39.79
C VAL E 12 -30.33 -9.89 -40.04
N GLN E 13 -30.56 -10.28 -41.29
CA GLN E 13 -30.61 -11.70 -41.60
C GLN E 13 -29.25 -12.32 -41.33
N PRO E 14 -29.21 -13.61 -41.00
CA PRO E 14 -27.92 -14.24 -40.68
C PRO E 14 -26.93 -14.08 -41.82
N GLY E 15 -25.67 -13.80 -41.46
CA GLY E 15 -24.66 -13.48 -42.43
C GLY E 15 -24.59 -12.02 -42.80
N GLY E 16 -25.56 -11.21 -42.36
CA GLY E 16 -25.54 -9.80 -42.66
C GLY E 16 -24.56 -9.04 -41.80
N SER E 17 -24.44 -7.74 -42.09
CA SER E 17 -23.45 -6.90 -41.44
C SER E 17 -24.13 -5.68 -40.82
N LEU E 18 -23.62 -5.25 -39.68
CA LEU E 18 -24.18 -4.12 -38.96
C LEU E 18 -23.02 -3.34 -38.34
N ARG E 19 -23.33 -2.15 -37.84
CA ARG E 19 -22.34 -1.27 -37.26
C ARG E 19 -22.93 -0.56 -36.06
N LEU E 20 -22.25 -0.65 -34.92
CA LEU E 20 -22.70 -0.02 -33.69
C LEU E 20 -21.78 1.15 -33.39
N SER E 21 -22.39 2.33 -33.21
CA SER E 21 -21.66 3.56 -32.92
C SER E 21 -22.03 4.05 -31.53
N CYS E 22 -21.03 4.31 -30.71
CA CYS E 22 -21.21 4.82 -29.35
C CYS E 22 -20.67 6.24 -29.29
N ALA E 23 -21.57 7.20 -29.10
CA ALA E 23 -21.20 8.59 -28.92
C ALA E 23 -21.12 8.87 -27.43
N ALA E 24 -19.95 9.33 -26.98
CA ALA E 24 -19.67 9.54 -25.57
C ALA E 24 -19.48 11.03 -25.31
N SER E 25 -20.20 11.55 -24.32
CA SER E 25 -20.10 12.95 -23.96
C SER E 25 -20.09 13.06 -22.44
N GLY E 26 -19.50 14.15 -21.94
CA GLY E 26 -19.43 14.39 -20.52
C GLY E 26 -18.14 13.96 -19.86
N PHE E 27 -17.15 13.52 -20.63
CA PHE E 27 -15.84 13.18 -20.08
C PHE E 27 -14.83 13.22 -21.22
N THR E 28 -13.55 13.10 -20.87
CA THR E 28 -12.46 13.10 -21.83
C THR E 28 -12.33 11.69 -22.38
N PHE E 29 -12.78 11.50 -23.61
CA PHE E 29 -12.88 10.17 -24.20
C PHE E 29 -11.53 9.48 -24.27
N SER E 30 -10.50 10.20 -24.68
CA SER E 30 -9.22 9.60 -25.04
C SER E 30 -8.46 9.05 -23.83
N ASN E 31 -9.05 9.11 -22.64
CA ASN E 31 -8.38 8.71 -21.42
C ASN E 31 -8.88 7.38 -20.85
N TYR E 32 -9.99 6.85 -21.35
CA TYR E 32 -10.65 5.71 -20.73
C TYR E 32 -10.74 4.56 -21.73
N LYS E 33 -10.29 3.38 -21.32
CA LYS E 33 -10.49 2.19 -22.12
C LYS E 33 -11.99 1.92 -22.27
N MET E 34 -12.42 1.67 -23.50
CA MET E 34 -13.83 1.55 -23.81
C MET E 34 -14.17 0.11 -24.16
N ASN E 35 -15.27 -0.39 -23.60
CA ASN E 35 -15.69 -1.76 -23.76
C ASN E 35 -17.05 -1.82 -24.45
N TRP E 36 -17.30 -2.94 -25.12
CA TRP E 36 -18.62 -3.29 -25.59
C TRP E 36 -19.01 -4.58 -24.88
N VAL E 37 -20.16 -4.59 -24.22
CA VAL E 37 -20.70 -5.78 -23.59
C VAL E 37 -22.07 -6.04 -24.19
N ARG E 38 -22.66 -7.18 -23.85
CA ARG E 38 -23.98 -7.50 -24.38
C ARG E 38 -24.75 -8.34 -23.38
N GLN E 39 -26.08 -8.24 -23.46
CA GLN E 39 -26.98 -9.07 -22.68
C GLN E 39 -27.93 -9.77 -23.65
N ALA E 40 -27.78 -11.09 -23.78
CA ALA E 40 -28.65 -11.86 -24.63
C ALA E 40 -30.01 -12.00 -23.95
N PRO E 41 -31.06 -12.33 -24.72
CA PRO E 41 -32.40 -12.42 -24.12
C PRO E 41 -32.45 -13.52 -23.07
N GLY E 42 -32.65 -13.11 -21.81
CA GLY E 42 -32.74 -14.05 -20.71
C GLY E 42 -31.44 -14.35 -19.99
N LYS E 43 -30.30 -14.03 -20.61
CA LYS E 43 -29.01 -14.31 -20.00
C LYS E 43 -28.48 -13.04 -19.34
N GLY E 44 -27.30 -13.14 -18.72
CA GLY E 44 -26.66 -12.02 -18.07
C GLY E 44 -25.68 -11.32 -18.99
N LEU E 45 -25.24 -10.15 -18.55
CA LEU E 45 -24.33 -9.35 -19.36
C LEU E 45 -23.06 -10.13 -19.63
N GLU E 46 -22.57 -10.02 -20.87
CA GLU E 46 -21.44 -10.81 -21.35
C GLU E 46 -20.49 -9.88 -22.09
N TRP E 47 -19.27 -9.78 -21.59
CA TRP E 47 -18.26 -8.95 -22.24
C TRP E 47 -18.06 -9.40 -23.68
N VAL E 48 -17.96 -8.43 -24.59
CA VAL E 48 -17.86 -8.69 -26.03
C VAL E 48 -16.52 -8.24 -26.59
N SER E 49 -16.10 -7.02 -26.25
CA SER E 49 -14.83 -6.52 -26.78
C SER E 49 -14.35 -5.37 -25.93
N ASP E 50 -13.08 -5.02 -26.10
CA ASP E 50 -12.50 -3.85 -25.47
C ASP E 50 -11.61 -3.12 -26.45
N ILE E 51 -11.19 -1.92 -26.06
CA ILE E 51 -10.20 -1.17 -26.82
C ILE E 51 -9.56 -0.16 -25.86
N SER E 52 -8.24 -0.08 -25.89
CA SER E 52 -7.52 0.68 -24.88
C SER E 52 -7.58 2.17 -25.24
N GLN E 53 -6.77 2.98 -24.53
CA GLN E 53 -6.88 4.43 -24.68
C GLN E 53 -6.63 4.86 -26.12
N SER E 54 -5.55 4.39 -26.73
CA SER E 54 -5.14 4.86 -28.05
C SER E 54 -5.70 4.02 -29.18
N GLY E 55 -6.25 2.84 -28.89
CA GLY E 55 -6.68 1.92 -29.91
C GLY E 55 -5.64 0.88 -30.31
N ALA E 56 -4.47 0.90 -29.69
CA ALA E 56 -3.42 -0.06 -30.02
C ALA E 56 -3.69 -1.44 -29.42
N SER E 57 -4.30 -1.50 -28.24
CA SER E 57 -4.60 -2.76 -27.58
C SER E 57 -6.08 -3.10 -27.74
N ILE E 58 -6.35 -4.29 -28.26
CA ILE E 58 -7.70 -4.74 -28.54
C ILE E 58 -7.86 -6.16 -28.02
N SER E 59 -9.10 -6.54 -27.72
CA SER E 59 -9.40 -7.89 -27.28
C SER E 59 -10.88 -8.19 -27.48
N TYR E 60 -11.21 -9.43 -27.84
CA TYR E 60 -12.57 -9.86 -28.11
C TYR E 60 -12.93 -11.03 -27.21
N THR E 61 -14.23 -11.30 -27.11
CA THR E 61 -14.70 -12.50 -26.46
C THR E 61 -14.44 -13.70 -27.37
N GLY E 62 -14.52 -14.90 -26.81
CA GLY E 62 -14.07 -16.08 -27.55
C GLY E 62 -14.80 -16.26 -28.87
N SER E 63 -16.13 -16.17 -28.84
CA SER E 63 -16.94 -16.49 -30.01
C SER E 63 -17.09 -15.30 -30.95
N VAL E 64 -16.19 -14.32 -30.89
CA VAL E 64 -16.35 -13.10 -31.68
C VAL E 64 -15.12 -12.74 -32.49
N LYS E 65 -13.91 -13.14 -32.12
CA LYS E 65 -12.73 -12.65 -32.82
C LYS E 65 -12.71 -13.15 -34.25
N GLY E 66 -12.26 -12.28 -35.15
CA GLY E 66 -12.32 -12.53 -36.57
C GLY E 66 -13.67 -12.29 -37.20
N ARG E 67 -14.64 -11.83 -36.41
CA ARG E 67 -16.01 -11.65 -36.90
C ARG E 67 -16.49 -10.23 -36.58
N PHE E 68 -16.06 -9.68 -35.45
CA PHE E 68 -16.32 -8.30 -35.09
C PHE E 68 -15.01 -7.51 -35.10
N THR E 69 -15.10 -6.25 -35.52
CA THR E 69 -13.96 -5.36 -35.60
C THR E 69 -14.24 -4.11 -34.79
N ILE E 70 -13.49 -3.88 -33.73
CA ILE E 70 -13.71 -2.74 -32.85
C ILE E 70 -12.67 -1.66 -33.16
N SER E 71 -13.09 -0.41 -33.05
CA SER E 71 -12.22 0.73 -33.30
C SER E 71 -12.75 1.92 -32.52
N ARG E 72 -11.95 2.98 -32.46
CA ARG E 72 -12.37 4.20 -31.78
C ARG E 72 -11.78 5.40 -32.48
N ASP E 73 -12.54 6.49 -32.51
CA ASP E 73 -12.10 7.77 -33.04
C ASP E 73 -12.16 8.78 -31.90
N ASN E 74 -10.98 9.10 -31.34
CA ASN E 74 -10.91 10.05 -30.23
C ASN E 74 -11.19 11.48 -30.64
N ALA E 75 -10.91 11.83 -31.90
CA ALA E 75 -11.19 13.19 -32.35
C ALA E 75 -12.68 13.50 -32.34
N LYS E 76 -13.50 12.54 -32.79
CA LYS E 76 -14.94 12.70 -32.78
C LYS E 76 -15.59 12.18 -31.51
N ASN E 77 -14.79 11.66 -30.58
CA ASN E 77 -15.30 11.15 -29.31
C ASN E 77 -16.32 10.03 -29.56
N THR E 78 -15.86 8.96 -30.21
CA THR E 78 -16.77 7.92 -30.63
C THR E 78 -16.09 6.56 -30.62
N LEU E 79 -16.90 5.52 -30.44
CA LEU E 79 -16.46 4.13 -30.44
C LEU E 79 -17.28 3.35 -31.46
N TYR E 80 -16.68 2.32 -32.05
CA TYR E 80 -17.30 1.62 -33.17
C TYR E 80 -17.09 0.12 -33.04
N LEU E 81 -18.14 -0.64 -33.36
CA LEU E 81 -18.08 -2.09 -33.43
C LEU E 81 -18.74 -2.54 -34.72
N GLN E 82 -17.95 -3.05 -35.66
CA GLN E 82 -18.44 -3.56 -36.93
C GLN E 82 -18.73 -5.05 -36.75
N MET E 83 -20.01 -5.40 -36.82
CA MET E 83 -20.48 -6.76 -36.60
C MET E 83 -20.70 -7.41 -37.96
N ASN E 84 -19.78 -8.29 -38.35
CA ASN E 84 -19.76 -8.89 -39.67
C ASN E 84 -20.06 -10.38 -39.58
N SER E 85 -20.85 -10.88 -40.52
CA SER E 85 -21.22 -12.29 -40.58
C SER E 85 -21.91 -12.72 -39.29
N LEU E 86 -23.08 -12.13 -39.04
CA LEU E 86 -23.81 -12.38 -37.82
C LEU E 86 -24.37 -13.80 -37.79
N LYS E 87 -24.47 -14.34 -36.58
CA LYS E 87 -25.11 -15.62 -36.32
C LYS E 87 -26.37 -15.41 -35.50
N PRO E 88 -27.30 -16.38 -35.52
CA PRO E 88 -28.55 -16.19 -34.75
C PRO E 88 -28.32 -15.98 -33.27
N GLU E 89 -27.27 -16.58 -32.68
CA GLU E 89 -27.02 -16.41 -31.27
C GLU E 89 -26.49 -15.02 -30.91
N ASP E 90 -26.13 -14.20 -31.91
CA ASP E 90 -25.58 -12.88 -31.66
C ASP E 90 -26.65 -11.84 -31.35
N THR E 91 -27.93 -12.19 -31.46
CA THR E 91 -28.99 -11.27 -31.07
C THR E 91 -28.88 -10.96 -29.59
N ALA E 92 -28.95 -9.68 -29.24
CA ALA E 92 -28.81 -9.27 -27.84
C ALA E 92 -28.96 -7.76 -27.75
N VAL E 93 -28.98 -7.26 -26.53
CA VAL E 93 -28.93 -5.83 -26.26
C VAL E 93 -27.48 -5.47 -26.02
N TYR E 94 -26.88 -4.70 -26.92
CA TYR E 94 -25.48 -4.33 -26.83
C TYR E 94 -25.35 -3.03 -26.04
N TYR E 95 -24.36 -3.01 -25.15
CA TYR E 95 -24.13 -1.90 -24.23
C TYR E 95 -22.72 -1.37 -24.43
N CYS E 96 -22.61 -0.05 -24.44
CA CYS E 96 -21.31 0.62 -24.49
C CYS E 96 -20.89 0.98 -23.07
N ALA E 97 -19.68 0.60 -22.68
CA ALA E 97 -19.21 0.80 -21.32
C ALA E 97 -17.85 1.47 -21.34
N ARG E 98 -17.52 2.13 -20.23
CA ARG E 98 -16.21 2.72 -20.04
C ARG E 98 -15.66 2.29 -18.69
N CYS E 99 -14.36 2.02 -18.65
CA CYS E 99 -13.76 1.59 -17.40
C CYS E 99 -13.89 2.70 -16.36
N PRO E 100 -14.02 2.37 -15.08
CA PRO E 100 -14.36 3.40 -14.09
C PRO E 100 -13.36 4.54 -13.98
N ALA E 101 -12.07 4.29 -14.22
CA ALA E 101 -11.03 5.27 -13.95
C ALA E 101 -10.19 5.54 -15.19
N PRO E 102 -9.53 6.70 -15.25
CA PRO E 102 -8.62 7.00 -16.36
C PRO E 102 -7.24 6.40 -16.15
N PHE E 103 -6.54 6.20 -17.26
CA PHE E 103 -5.16 5.71 -17.23
C PHE E 103 -5.03 4.42 -16.43
N THR E 104 -5.91 3.46 -16.68
CA THR E 104 -5.83 2.15 -16.05
C THR E 104 -6.13 1.06 -17.05
N ARG E 105 -5.42 -0.06 -16.90
CA ARG E 105 -5.68 -1.26 -17.68
C ARG E 105 -6.74 -2.16 -17.06
N ASP E 106 -7.16 -1.87 -15.82
CA ASP E 106 -8.21 -2.63 -15.16
C ASP E 106 -9.56 -2.00 -15.47
N CYS E 107 -10.56 -2.86 -15.69
CA CYS E 107 -11.87 -2.42 -16.14
C CYS E 107 -12.95 -3.18 -15.37
N PHE E 108 -12.84 -3.16 -14.04
CA PHE E 108 -13.53 -4.12 -13.17
C PHE E 108 -14.99 -4.42 -13.51
N ASP E 109 -15.86 -3.43 -13.45
CA ASP E 109 -17.29 -3.70 -13.28
C ASP E 109 -18.13 -3.41 -14.52
N VAL E 110 -17.51 -3.35 -15.72
CA VAL E 110 -18.29 -3.03 -16.90
C VAL E 110 -19.37 -4.07 -17.14
N THR E 111 -19.16 -5.30 -16.70
CA THR E 111 -20.14 -6.35 -16.87
C THR E 111 -21.19 -6.37 -15.76
N SER E 112 -20.99 -5.59 -14.70
CA SER E 112 -21.91 -5.63 -13.56
C SER E 112 -23.32 -5.26 -13.99
N THR E 113 -24.28 -5.53 -13.11
CA THR E 113 -25.68 -5.31 -13.41
C THR E 113 -26.12 -3.87 -13.22
N THR E 114 -25.41 -3.10 -12.39
CA THR E 114 -25.78 -1.73 -12.08
C THR E 114 -24.60 -0.80 -12.25
N TYR E 115 -23.89 -0.94 -13.38
CA TYR E 115 -22.81 -0.03 -13.70
C TYR E 115 -23.37 1.35 -14.03
N ALA E 116 -22.65 2.39 -13.63
CA ALA E 116 -23.13 3.75 -13.80
C ALA E 116 -22.72 4.37 -15.13
N TYR E 117 -21.53 4.02 -15.64
CA TYR E 117 -20.99 4.62 -16.85
C TYR E 117 -21.24 3.78 -18.09
N ARG E 118 -22.38 3.10 -18.16
CA ARG E 118 -22.75 2.27 -19.30
C ARG E 118 -24.00 2.83 -19.95
N GLY E 119 -24.07 2.69 -21.27
CA GLY E 119 -25.18 3.22 -22.04
C GLY E 119 -26.43 2.37 -21.90
N GLN E 120 -27.50 2.86 -22.51
CA GLN E 120 -28.77 2.13 -22.52
C GLN E 120 -28.82 1.02 -23.56
N GLY E 121 -27.90 1.02 -24.51
CA GLY E 121 -27.72 -0.09 -25.42
C GLY E 121 -28.73 -0.09 -26.55
N THR E 122 -28.46 -0.95 -27.54
CA THR E 122 -29.29 -1.08 -28.74
C THR E 122 -29.60 -2.54 -28.99
N GLN E 123 -30.78 -2.81 -29.56
CA GLN E 123 -31.19 -4.18 -29.82
C GLN E 123 -30.64 -4.64 -31.17
N VAL E 124 -30.10 -5.86 -31.18
CA VAL E 124 -29.65 -6.52 -32.40
C VAL E 124 -30.44 -7.81 -32.51
N THR E 125 -31.21 -7.96 -33.59
CA THR E 125 -32.00 -9.15 -33.86
C THR E 125 -31.46 -9.81 -35.12
N VAL E 126 -31.30 -11.13 -35.07
CA VAL E 126 -30.74 -11.89 -36.18
C VAL E 126 -31.69 -13.05 -36.46
N SER E 127 -32.53 -12.89 -37.48
CA SER E 127 -33.44 -13.94 -37.90
C SER E 127 -34.12 -13.49 -39.18
N SER E 128 -34.55 -14.47 -39.98
CA SER E 128 -35.20 -14.18 -41.26
C SER E 128 -36.57 -13.56 -41.05
#